data_7TH0
# 
_entry.id   7TH0 
# 
_audit_conform.dict_name       mmcif_pdbx.dic 
_audit_conform.dict_version    5.398 
_audit_conform.dict_location   http://mmcif.pdb.org/dictionaries/ascii/mmcif_pdbx.dic 
# 
loop_
_database_2.database_id 
_database_2.database_code 
_database_2.pdbx_database_accession 
_database_2.pdbx_DOI 
PDB   7TH0         pdb_00007th0 10.2210/pdb7th0/pdb 
WWPDB D_1000262188 ?            ?                   
# 
loop_
_pdbx_audit_revision_history.ordinal 
_pdbx_audit_revision_history.data_content_type 
_pdbx_audit_revision_history.major_revision 
_pdbx_audit_revision_history.minor_revision 
_pdbx_audit_revision_history.revision_date 
1 'Structure model' 1 0 2023-03-29 
2 'Structure model' 1 1 2023-10-25 
3 'Structure model' 1 2 2023-11-15 
4 'Structure model' 1 3 2024-11-13 
# 
_pdbx_audit_revision_details.ordinal             1 
_pdbx_audit_revision_details.revision_ordinal    1 
_pdbx_audit_revision_details.data_content_type   'Structure model' 
_pdbx_audit_revision_details.provider            repository 
_pdbx_audit_revision_details.type                'Initial release' 
_pdbx_audit_revision_details.description         ? 
_pdbx_audit_revision_details.details             ? 
# 
loop_
_pdbx_audit_revision_group.ordinal 
_pdbx_audit_revision_group.revision_ordinal 
_pdbx_audit_revision_group.data_content_type 
_pdbx_audit_revision_group.group 
1 2 'Structure model' 'Data collection'     
2 2 'Structure model' 'Database references' 
3 3 'Structure model' 'Data collection'     
4 4 'Structure model' 'Structure summary'   
# 
loop_
_pdbx_audit_revision_category.ordinal 
_pdbx_audit_revision_category.revision_ordinal 
_pdbx_audit_revision_category.data_content_type 
_pdbx_audit_revision_category.category 
1 2 'Structure model' chem_comp_atom            
2 2 'Structure model' chem_comp_bond            
3 2 'Structure model' citation                  
4 2 'Structure model' citation_author           
5 3 'Structure model' chem_comp_atom            
6 3 'Structure model' chem_comp_bond            
7 4 'Structure model' pdbx_entry_details        
8 4 'Structure model' pdbx_modification_feature 
# 
loop_
_pdbx_audit_revision_item.ordinal 
_pdbx_audit_revision_item.revision_ordinal 
_pdbx_audit_revision_item.data_content_type 
_pdbx_audit_revision_item.item 
1  2 'Structure model' '_citation.country'                            
2  2 'Structure model' '_citation.journal_abbrev'                     
3  2 'Structure model' '_citation.journal_id_ASTM'                    
4  2 'Structure model' '_citation.journal_id_CSD'                     
5  2 'Structure model' '_citation.journal_id_ISSN'                    
6  2 'Structure model' '_citation.journal_volume'                     
7  2 'Structure model' '_citation.page_first'                         
8  2 'Structure model' '_citation.page_last'                          
9  2 'Structure model' '_citation.pdbx_database_id_DOI'               
10 2 'Structure model' '_citation.pdbx_database_id_PubMed'            
11 2 'Structure model' '_citation.title'                              
12 2 'Structure model' '_citation.year'                               
13 3 'Structure model' '_chem_comp_atom.atom_id'                      
14 3 'Structure model' '_chem_comp_bond.atom_id_2'                    
15 4 'Structure model' '_pdbx_entry_details.has_protein_modification' 
# 
_pdbx_database_status.status_code                     REL 
_pdbx_database_status.status_code_sf                  REL 
_pdbx_database_status.status_code_mr                  ? 
_pdbx_database_status.entry_id                        7TH0 
_pdbx_database_status.recvd_initial_deposition_date   2022-01-10 
_pdbx_database_status.SG_entry                        N 
_pdbx_database_status.deposit_site                    RCSB 
_pdbx_database_status.process_site                    RCSB 
_pdbx_database_status.status_code_cs                  ? 
_pdbx_database_status.status_code_nmr_data            ? 
_pdbx_database_status.methods_development_category    ? 
_pdbx_database_status.pdb_format_compatible           Y 
# 
loop_
_pdbx_contact_author.id 
_pdbx_contact_author.email 
_pdbx_contact_author.name_first 
_pdbx_contact_author.name_last 
_pdbx_contact_author.name_mi 
_pdbx_contact_author.role 
_pdbx_contact_author.identifier_ORCID 
2 fred.dyda@nih.gov   Fred   Dyda  ? 'principal investigator/group leader' 0000-0003-1689-9041 
3 storzg@mail.nih.gov Gisela Storz ? 'principal investigator/group leader' 0000-0001-6698-1241 
# 
loop_
_audit_author.name 
_audit_author.pdbx_ordinal 
_audit_author.identifier_ORCID 
'Zhong, A.'     1 0000-0002-5793-3990 
'Hickman, A.B.' 2 0000-0001-7666-0249 
'Storz, G.'     3 0000-0001-6698-1241 
'Dyda, F.'      4 0000-0003-1689-9041 
# 
_citation.abstract                  ? 
_citation.abstract_id_CAS           ? 
_citation.book_id_ISBN              ? 
_citation.book_publisher            ? 
_citation.book_publisher_city       ? 
_citation.book_title                ? 
_citation.coordinate_linkage        ? 
_citation.country                   US 
_citation.database_id_Medline       ? 
_citation.details                   ? 
_citation.id                        primary 
_citation.journal_abbrev            Proc.Natl.Acad.Sci.USA 
_citation.journal_id_ASTM           PNASA6 
_citation.journal_id_CSD            0040 
_citation.journal_id_ISSN           1091-6490 
_citation.journal_full              ? 
_citation.journal_issue             ? 
_citation.journal_volume            120 
_citation.language                  ? 
_citation.page_first                e2307382120 
_citation.page_last                 e2307382120 
_citation.title                     'Toxic antiphage defense proteins inhibited by intragenic antitoxin proteins.' 
_citation.year                      2023 
_citation.database_id_CSD           ? 
_citation.pdbx_database_id_DOI      10.1073/pnas.2307382120 
_citation.pdbx_database_id_PubMed   37487082 
_citation.pdbx_database_id_patent   ? 
_citation.unpublished_flag          ? 
# 
loop_
_citation_author.citation_id 
_citation_author.name 
_citation_author.ordinal 
_citation_author.identifier_ORCID 
primary 'Zhong, A.'       1 ?                   
primary 'Jiang, X.'       2 ?                   
primary 'Hickman, A.B.'   3 ?                   
primary 'Klier, K.'       4 ?                   
primary 'Teodoro, G.I.C.' 5 ?                   
primary 'Dyda, F.'        6 ?                   
primary 'Laub, M.T.'      7 0000-0002-8288-7607 
primary 'Storz, G.'       8 0000-0001-6698-1241 
# 
loop_
_entity.id 
_entity.type 
_entity.src_method 
_entity.pdbx_description 
_entity.formula_weight 
_entity.pdbx_number_of_molecules 
_entity.pdbx_ec 
_entity.pdbx_mutation 
_entity.pdbx_fragment 
_entity.details 
1 polymer man 'Recombination-promoting nuclease RpnA' 5517.861 1 3.1.21.- ? ? ? 
2 water   nat water                                   18.015   8 ?        ? ? ? 
# 
_entity_poly.entity_id                      1 
_entity_poly.type                           'polypeptide(L)' 
_entity_poly.nstd_linkage                   no 
_entity_poly.nstd_monomer                   yes 
_entity_poly.pdbx_seq_one_letter_code       '(MSE)TIAERLRQEGEQSKALHIAKI(MSE)LESGVPLADI(MSE)RFTGLSEEELAAASQ' 
_entity_poly.pdbx_seq_one_letter_code_can   MTIAERLRQEGEQSKALHIAKIMLESGVPLADIMRFTGLSEEELAAASQ 
_entity_poly.pdbx_strand_id                 A 
_entity_poly.pdbx_target_identifier         ? 
# 
_pdbx_entity_nonpoly.entity_id   2 
_pdbx_entity_nonpoly.name        water 
_pdbx_entity_nonpoly.comp_id     HOH 
# 
loop_
_entity_poly_seq.entity_id 
_entity_poly_seq.num 
_entity_poly_seq.mon_id 
_entity_poly_seq.hetero 
1 1  MSE n 
1 2  THR n 
1 3  ILE n 
1 4  ALA n 
1 5  GLU n 
1 6  ARG n 
1 7  LEU n 
1 8  ARG n 
1 9  GLN n 
1 10 GLU n 
1 11 GLY n 
1 12 GLU n 
1 13 GLN n 
1 14 SER n 
1 15 LYS n 
1 16 ALA n 
1 17 LEU n 
1 18 HIS n 
1 19 ILE n 
1 20 ALA n 
1 21 LYS n 
1 22 ILE n 
1 23 MSE n 
1 24 LEU n 
1 25 GLU n 
1 26 SER n 
1 27 GLY n 
1 28 VAL n 
1 29 PRO n 
1 30 LEU n 
1 31 ALA n 
1 32 ASP n 
1 33 ILE n 
1 34 MSE n 
1 35 ARG n 
1 36 PHE n 
1 37 THR n 
1 38 GLY n 
1 39 LEU n 
1 40 SER n 
1 41 GLU n 
1 42 GLU n 
1 43 GLU n 
1 44 LEU n 
1 45 ALA n 
1 46 ALA n 
1 47 ALA n 
1 48 SER n 
1 49 GLN n 
# 
_entity_src_gen.entity_id                          1 
_entity_src_gen.pdbx_src_id                        1 
_entity_src_gen.pdbx_alt_source_flag               sample 
_entity_src_gen.pdbx_seq_type                      'Biological sequence' 
_entity_src_gen.pdbx_beg_seq_num                   1 
_entity_src_gen.pdbx_end_seq_num                   49 
_entity_src_gen.gene_src_common_name               ? 
_entity_src_gen.gene_src_genus                     ? 
_entity_src_gen.pdbx_gene_src_gene                 'rpnA, yhgA, b3411, JW3374' 
_entity_src_gen.gene_src_species                   ? 
_entity_src_gen.gene_src_strain                    K-12 
_entity_src_gen.gene_src_tissue                    ? 
_entity_src_gen.gene_src_tissue_fraction           ? 
_entity_src_gen.gene_src_details                   ? 
_entity_src_gen.pdbx_gene_src_fragment             ? 
_entity_src_gen.pdbx_gene_src_scientific_name      'Escherichia coli str. K-12 substr. MG1655' 
_entity_src_gen.pdbx_gene_src_ncbi_taxonomy_id     511145 
_entity_src_gen.pdbx_gene_src_variant              ? 
_entity_src_gen.pdbx_gene_src_cell_line            ? 
_entity_src_gen.pdbx_gene_src_atcc                 ? 
_entity_src_gen.pdbx_gene_src_organ                ? 
_entity_src_gen.pdbx_gene_src_organelle            ? 
_entity_src_gen.pdbx_gene_src_cell                 ? 
_entity_src_gen.pdbx_gene_src_cellular_location    ? 
_entity_src_gen.host_org_common_name               ? 
_entity_src_gen.pdbx_host_org_scientific_name      'Escherichia coli' 
_entity_src_gen.pdbx_host_org_ncbi_taxonomy_id     562 
_entity_src_gen.host_org_genus                     ? 
_entity_src_gen.pdbx_host_org_gene                 ? 
_entity_src_gen.pdbx_host_org_organ                ? 
_entity_src_gen.host_org_species                   ? 
_entity_src_gen.pdbx_host_org_tissue               ? 
_entity_src_gen.pdbx_host_org_tissue_fraction      ? 
_entity_src_gen.pdbx_host_org_strain               ? 
_entity_src_gen.pdbx_host_org_variant              ? 
_entity_src_gen.pdbx_host_org_cell_line            ? 
_entity_src_gen.pdbx_host_org_atcc                 ? 
_entity_src_gen.pdbx_host_org_culture_collection   ? 
_entity_src_gen.pdbx_host_org_cell                 ? 
_entity_src_gen.pdbx_host_org_organelle            ? 
_entity_src_gen.pdbx_host_org_cellular_location    ? 
_entity_src_gen.pdbx_host_org_vector_type          ? 
_entity_src_gen.pdbx_host_org_vector               ? 
_entity_src_gen.host_org_details                   ? 
_entity_src_gen.expression_system_id               ? 
_entity_src_gen.plasmid_name                       ? 
_entity_src_gen.plasmid_details                    ? 
_entity_src_gen.pdbx_description                   ? 
# 
loop_
_chem_comp.id 
_chem_comp.type 
_chem_comp.mon_nstd_flag 
_chem_comp.name 
_chem_comp.pdbx_synonyms 
_chem_comp.formula 
_chem_comp.formula_weight 
ALA 'L-peptide linking' y ALANINE          ? 'C3 H7 N O2'     89.093  
ARG 'L-peptide linking' y ARGININE         ? 'C6 H15 N4 O2 1' 175.209 
ASP 'L-peptide linking' y 'ASPARTIC ACID'  ? 'C4 H7 N O4'     133.103 
GLN 'L-peptide linking' y GLUTAMINE        ? 'C5 H10 N2 O3'   146.144 
GLU 'L-peptide linking' y 'GLUTAMIC ACID'  ? 'C5 H9 N O4'     147.129 
GLY 'peptide linking'   y GLYCINE          ? 'C2 H5 N O2'     75.067  
HIS 'L-peptide linking' y HISTIDINE        ? 'C6 H10 N3 O2 1' 156.162 
HOH non-polymer         . WATER            ? 'H2 O'           18.015  
ILE 'L-peptide linking' y ISOLEUCINE       ? 'C6 H13 N O2'    131.173 
LEU 'L-peptide linking' y LEUCINE          ? 'C6 H13 N O2'    131.173 
LYS 'L-peptide linking' y LYSINE           ? 'C6 H15 N2 O2 1' 147.195 
MSE 'L-peptide linking' n SELENOMETHIONINE ? 'C5 H11 N O2 Se' 196.106 
PHE 'L-peptide linking' y PHENYLALANINE    ? 'C9 H11 N O2'    165.189 
PRO 'L-peptide linking' y PROLINE          ? 'C5 H9 N O2'     115.130 
SER 'L-peptide linking' y SERINE           ? 'C3 H7 N O3'     105.093 
THR 'L-peptide linking' y THREONINE        ? 'C4 H9 N O3'     119.119 
VAL 'L-peptide linking' y VALINE           ? 'C5 H11 N O2'    117.146 
# 
loop_
_pdbx_poly_seq_scheme.asym_id 
_pdbx_poly_seq_scheme.entity_id 
_pdbx_poly_seq_scheme.seq_id 
_pdbx_poly_seq_scheme.mon_id 
_pdbx_poly_seq_scheme.ndb_seq_num 
_pdbx_poly_seq_scheme.pdb_seq_num 
_pdbx_poly_seq_scheme.auth_seq_num 
_pdbx_poly_seq_scheme.pdb_mon_id 
_pdbx_poly_seq_scheme.auth_mon_id 
_pdbx_poly_seq_scheme.pdb_strand_id 
_pdbx_poly_seq_scheme.pdb_ins_code 
_pdbx_poly_seq_scheme.hetero 
A 1 1  MSE 1  244 244 MSE MSE A . n 
A 1 2  THR 2  245 245 THR THR A . n 
A 1 3  ILE 3  246 246 ILE ILE A . n 
A 1 4  ALA 4  247 247 ALA ALA A . n 
A 1 5  GLU 5  248 248 GLU GLU A . n 
A 1 6  ARG 6  249 249 ARG ARG A . n 
A 1 7  LEU 7  250 250 LEU LEU A . n 
A 1 8  ARG 8  251 251 ARG ARG A . n 
A 1 9  GLN 9  252 252 GLN GLN A . n 
A 1 10 GLU 10 253 253 GLU GLU A . n 
A 1 11 GLY 11 254 254 GLY GLY A . n 
A 1 12 GLU 12 255 255 GLU GLU A . n 
A 1 13 GLN 13 256 256 GLN GLN A . n 
A 1 14 SER 14 257 257 SER SER A . n 
A 1 15 LYS 15 258 258 LYS LYS A . n 
A 1 16 ALA 16 259 259 ALA ALA A . n 
A 1 17 LEU 17 260 260 LEU LEU A . n 
A 1 18 HIS 18 261 261 HIS HIS A . n 
A 1 19 ILE 19 262 262 ILE ILE A . n 
A 1 20 ALA 20 263 263 ALA ALA A . n 
A 1 21 LYS 21 264 264 LYS LYS A . n 
A 1 22 ILE 22 265 265 ILE ILE A . n 
A 1 23 MSE 23 266 266 MSE MSE A . n 
A 1 24 LEU 24 267 267 LEU LEU A . n 
A 1 25 GLU 25 268 268 GLU GLU A . n 
A 1 26 SER 26 269 269 SER SER A . n 
A 1 27 GLY 27 270 270 GLY GLY A . n 
A 1 28 VAL 28 271 271 VAL VAL A . n 
A 1 29 PRO 29 272 272 PRO PRO A . n 
A 1 30 LEU 30 273 273 LEU LEU A . n 
A 1 31 ALA 31 274 274 ALA ALA A . n 
A 1 32 ASP 32 275 275 ASP ASP A . n 
A 1 33 ILE 33 276 276 ILE ILE A . n 
A 1 34 MSE 34 277 277 MSE MSE A . n 
A 1 35 ARG 35 278 278 ARG ARG A . n 
A 1 36 PHE 36 279 279 PHE PHE A . n 
A 1 37 THR 37 280 280 THR THR A . n 
A 1 38 GLY 38 281 281 GLY GLY A . n 
A 1 39 LEU 39 282 282 LEU LEU A . n 
A 1 40 SER 40 283 283 SER SER A . n 
A 1 41 GLU 41 284 284 GLU GLU A . n 
A 1 42 GLU 42 285 285 GLU GLU A . n 
A 1 43 GLU 43 286 286 GLU GLU A . n 
A 1 44 LEU 44 287 287 LEU LEU A . n 
A 1 45 ALA 45 288 288 ALA ALA A . n 
A 1 46 ALA 46 289 289 ALA ALA A . n 
A 1 47 ALA 47 290 ?   ?   ?   A . n 
A 1 48 SER 48 291 ?   ?   ?   A . n 
A 1 49 GLN 49 292 ?   ?   ?   A . n 
# 
_pdbx_entity_instance_feature.ordinal        1 
_pdbx_entity_instance_feature.comp_id        MSE 
_pdbx_entity_instance_feature.asym_id        ? 
_pdbx_entity_instance_feature.seq_num        ? 
_pdbx_entity_instance_feature.auth_comp_id   MSE 
_pdbx_entity_instance_feature.auth_asym_id   ? 
_pdbx_entity_instance_feature.auth_seq_num   ? 
_pdbx_entity_instance_feature.feature_type   'SUBJECT OF INVESTIGATION' 
_pdbx_entity_instance_feature.details        ? 
# 
loop_
_pdbx_nonpoly_scheme.asym_id 
_pdbx_nonpoly_scheme.entity_id 
_pdbx_nonpoly_scheme.mon_id 
_pdbx_nonpoly_scheme.ndb_seq_num 
_pdbx_nonpoly_scheme.pdb_seq_num 
_pdbx_nonpoly_scheme.auth_seq_num 
_pdbx_nonpoly_scheme.pdb_mon_id 
_pdbx_nonpoly_scheme.auth_mon_id 
_pdbx_nonpoly_scheme.pdb_strand_id 
_pdbx_nonpoly_scheme.pdb_ins_code 
B 2 HOH 1 301 1152 HOH HOH A . 
B 2 HOH 2 302 1032 HOH HOH A . 
B 2 HOH 3 303 1147 HOH HOH A . 
B 2 HOH 4 304 2230 HOH HOH A . 
B 2 HOH 5 305 2030 HOH HOH A . 
B 2 HOH 6 306 2013 HOH HOH A . 
B 2 HOH 7 307 2337 HOH HOH A . 
B 2 HOH 8 308 1146 HOH HOH A . 
# 
loop_
_software.citation_id 
_software.classification 
_software.compiler_name 
_software.compiler_version 
_software.contact_author 
_software.contact_author_email 
_software.date 
_software.description 
_software.dependencies 
_software.hardware 
_software.language 
_software.location 
_software.mods 
_software.name 
_software.os 
_software.os_version 
_software.type 
_software.version 
_software.pdbx_ordinal 
? refinement        ? ? ? ? ? ? ? ? ? ? ? PHENIX      ? ? ? 1.18.2_3874 1 
? 'data extraction' ? ? ? ? ? ? ? ? ? ? ? PDB_EXTRACT ? ? ? 3.27        2 
? 'data reduction'  ? ? ? ? ? ? ? ? ? ? ? XDS         ? ? ? .           3 
? 'data scaling'    ? ? ? ? ? ? ? ? ? ? ? XSCALE      ? ? ? .           4 
? phasing           ? ? ? ? ? ? ? ? ? ? ? PHENIX      ? ? ? .           5 
# 
_cell.angle_alpha                  90.000 
_cell.angle_alpha_esd              ? 
_cell.angle_beta                   90.000 
_cell.angle_beta_esd               ? 
_cell.angle_gamma                  90.000 
_cell.angle_gamma_esd              ? 
_cell.entry_id                     7TH0 
_cell.details                      ? 
_cell.formula_units_Z              ? 
_cell.length_a                     38.020 
_cell.length_a_esd                 ? 
_cell.length_b                     58.270 
_cell.length_b_esd                 ? 
_cell.length_c                     38.710 
_cell.length_c_esd                 ? 
_cell.volume                       ? 
_cell.volume_esd                   ? 
_cell.Z_PDB                        8 
_cell.reciprocal_angle_alpha       ? 
_cell.reciprocal_angle_beta        ? 
_cell.reciprocal_angle_gamma       ? 
_cell.reciprocal_angle_alpha_esd   ? 
_cell.reciprocal_angle_beta_esd    ? 
_cell.reciprocal_angle_gamma_esd   ? 
_cell.reciprocal_length_a          ? 
_cell.reciprocal_length_b          ? 
_cell.reciprocal_length_c          ? 
_cell.reciprocal_length_a_esd      ? 
_cell.reciprocal_length_b_esd      ? 
_cell.reciprocal_length_c_esd      ? 
_cell.pdbx_unique_axis             ? 
_cell.pdbx_esd_method              ? 
# 
_symmetry.entry_id                         7TH0 
_symmetry.cell_setting                     ? 
_symmetry.Int_Tables_number                20 
_symmetry.space_group_name_Hall            ? 
_symmetry.space_group_name_H-M             'C 2 2 21' 
_symmetry.pdbx_full_space_group_name_H-M   ? 
# 
_exptl.absorpt_coefficient_mu     ? 
_exptl.absorpt_correction_T_max   ? 
_exptl.absorpt_correction_T_min   ? 
_exptl.absorpt_correction_type    ? 
_exptl.absorpt_process_details    ? 
_exptl.entry_id                   7TH0 
_exptl.crystals_number            1 
_exptl.details                    ? 
_exptl.method                     'X-RAY DIFFRACTION' 
_exptl.method_details             ? 
# 
_exptl_crystal.colour                       ? 
_exptl_crystal.density_diffrn               ? 
_exptl_crystal.density_Matthews             1.99 
_exptl_crystal.density_method               ? 
_exptl_crystal.density_percent_sol          38.30 
_exptl_crystal.description                  ? 
_exptl_crystal.F_000                        ? 
_exptl_crystal.id                           1 
_exptl_crystal.preparation                  ? 
_exptl_crystal.size_max                     ? 
_exptl_crystal.size_mid                     ? 
_exptl_crystal.size_min                     ? 
_exptl_crystal.size_rad                     ? 
_exptl_crystal.colour_lustre                ? 
_exptl_crystal.colour_modifier              ? 
_exptl_crystal.colour_primary               ? 
_exptl_crystal.density_meas                 ? 
_exptl_crystal.density_meas_esd             ? 
_exptl_crystal.density_meas_gt              ? 
_exptl_crystal.density_meas_lt              ? 
_exptl_crystal.density_meas_temp            ? 
_exptl_crystal.density_meas_temp_esd        ? 
_exptl_crystal.density_meas_temp_gt         ? 
_exptl_crystal.density_meas_temp_lt         ? 
_exptl_crystal.pdbx_crystal_image_url       ? 
_exptl_crystal.pdbx_crystal_image_format    ? 
_exptl_crystal.pdbx_mosaicity               ? 
_exptl_crystal.pdbx_mosaicity_esd           ? 
_exptl_crystal.pdbx_mosaic_method           ? 
_exptl_crystal.pdbx_mosaic_block_size       ? 
_exptl_crystal.pdbx_mosaic_block_size_esd   ? 
# 
_exptl_crystal_grow.apparatus       ? 
_exptl_crystal_grow.atmosphere      ? 
_exptl_crystal_grow.crystal_id      1 
_exptl_crystal_grow.details         ? 
_exptl_crystal_grow.method          'VAPOR DIFFUSION, HANGING DROP' 
_exptl_crystal_grow.method_ref      ? 
_exptl_crystal_grow.pH              ? 
_exptl_crystal_grow.pressure        ? 
_exptl_crystal_grow.pressure_esd    ? 
_exptl_crystal_grow.seeding         ? 
_exptl_crystal_grow.seeding_ref     ? 
_exptl_crystal_grow.temp_details    ? 
_exptl_crystal_grow.temp_esd        ? 
_exptl_crystal_grow.time            ? 
_exptl_crystal_grow.pdbx_details    
;0.5M LiCl
0.1M Tris HCl
30% PEG 6K
5 mM Fe(III)Cl
;
_exptl_crystal_grow.pdbx_pH_range   8.3-9.0 
_exptl_crystal_grow.temp            293 
# 
_diffrn.ambient_environment              ? 
_diffrn.ambient_temp                     95 
_diffrn.ambient_temp_details             ? 
_diffrn.ambient_temp_esd                 ? 
_diffrn.crystal_id                       1 
_diffrn.crystal_support                  ? 
_diffrn.crystal_treatment                ? 
_diffrn.details                          ? 
_diffrn.id                               1 
_diffrn.ambient_pressure                 ? 
_diffrn.ambient_pressure_esd             ? 
_diffrn.ambient_pressure_gt              ? 
_diffrn.ambient_pressure_lt              ? 
_diffrn.ambient_temp_gt                  ? 
_diffrn.ambient_temp_lt                  ? 
_diffrn.pdbx_serial_crystal_experiment   N 
# 
_diffrn_detector.details                      ? 
_diffrn_detector.detector                     PIXEL 
_diffrn_detector.diffrn_id                    1 
_diffrn_detector.type                         'DECTRIS EIGER2 S 4M' 
_diffrn_detector.area_resol_mean              ? 
_diffrn_detector.dtime                        ? 
_diffrn_detector.pdbx_frames_total            ? 
_diffrn_detector.pdbx_collection_time_total   ? 
_diffrn_detector.pdbx_collection_date         2021-06-03 
_diffrn_detector.pdbx_frequency               ? 
# 
_diffrn_radiation.collimation                      ? 
_diffrn_radiation.diffrn_id                        1 
_diffrn_radiation.filter_edge                      ? 
_diffrn_radiation.inhomogeneity                    ? 
_diffrn_radiation.monochromator                    ? 
_diffrn_radiation.polarisn_norm                    ? 
_diffrn_radiation.polarisn_ratio                   ? 
_diffrn_radiation.probe                            ? 
_diffrn_radiation.type                             ? 
_diffrn_radiation.xray_symbol                      ? 
_diffrn_radiation.wavelength_id                    1 
_diffrn_radiation.pdbx_monochromatic_or_laue_m_l   M 
_diffrn_radiation.pdbx_wavelength_list             ? 
_diffrn_radiation.pdbx_wavelength                  ? 
_diffrn_radiation.pdbx_diffrn_protocol             'SINGLE WAVELENGTH' 
_diffrn_radiation.pdbx_analyzer                    ? 
_diffrn_radiation.pdbx_scattering_type             x-ray 
# 
_diffrn_radiation_wavelength.id           1 
_diffrn_radiation_wavelength.wavelength   1.5418 
_diffrn_radiation_wavelength.wt           1.0 
# 
_diffrn_source.current                     ? 
_diffrn_source.details                     ? 
_diffrn_source.diffrn_id                   1 
_diffrn_source.power                       ? 
_diffrn_source.size                        ? 
_diffrn_source.source                      'ROTATING ANODE' 
_diffrn_source.target                      ? 
_diffrn_source.type                        'RIGAKU FR-X' 
_diffrn_source.voltage                     ? 
_diffrn_source.take-off_angle              ? 
_diffrn_source.pdbx_wavelength_list        1.5418 
_diffrn_source.pdbx_wavelength             ? 
_diffrn_source.pdbx_synchrotron_beamline   ? 
_diffrn_source.pdbx_synchrotron_site       ? 
# 
_reflns.B_iso_Wilson_estimate                          ? 
_reflns.entry_id                                       7TH0 
_reflns.data_reduction_details                         ? 
_reflns.data_reduction_method                          ? 
_reflns.d_resolution_high                              1.9 
_reflns.d_resolution_low                               19.36 
_reflns.details                                        ? 
_reflns.limit_h_max                                    ? 
_reflns.limit_h_min                                    ? 
_reflns.limit_k_max                                    ? 
_reflns.limit_k_min                                    ? 
_reflns.limit_l_max                                    ? 
_reflns.limit_l_min                                    ? 
_reflns.number_all                                     ? 
_reflns.number_obs                                     3582 
_reflns.observed_criterion                             ? 
_reflns.observed_criterion_F_max                       ? 
_reflns.observed_criterion_F_min                       ? 
_reflns.observed_criterion_I_max                       ? 
_reflns.observed_criterion_I_min                       ? 
_reflns.observed_criterion_sigma_F                     ? 
_reflns.observed_criterion_sigma_I                     ? 
_reflns.percent_possible_obs                           99.8 
_reflns.R_free_details                                 ? 
_reflns.Rmerge_F_all                                   ? 
_reflns.Rmerge_F_obs                                   ? 
_reflns.Friedel_coverage                               ? 
_reflns.number_gt                                      ? 
_reflns.threshold_expression                           ? 
_reflns.pdbx_redundancy                                13.48 
_reflns.pdbx_netI_over_av_sigmaI                       ? 
_reflns.pdbx_netI_over_sigmaI                          43.46 
_reflns.pdbx_res_netI_over_av_sigmaI_2                 ? 
_reflns.pdbx_res_netI_over_sigmaI_2                    ? 
_reflns.pdbx_chi_squared                               ? 
_reflns.pdbx_scaling_rejects                           ? 
_reflns.pdbx_d_res_high_opt                            ? 
_reflns.pdbx_d_res_low_opt                             ? 
_reflns.pdbx_d_res_opt_method                          ? 
_reflns.phase_calculation_details                      ? 
_reflns.pdbx_Rrim_I_all                                ? 
_reflns.pdbx_Rpim_I_all                                ? 
_reflns.pdbx_d_opt                                     ? 
_reflns.pdbx_number_measured_all                       ? 
_reflns.pdbx_diffrn_id                                 1 
_reflns.pdbx_ordinal                                   1 
_reflns.pdbx_CC_half                                   1.0 
_reflns.pdbx_CC_star                                   ? 
_reflns.pdbx_R_split                                   ? 
_reflns.pdbx_Rmerge_I_obs                              ? 
_reflns.pdbx_Rmerge_I_all                              ? 
_reflns.pdbx_Rsym_value                                ? 
_reflns.pdbx_CC_split_method                           ? 
_reflns.pdbx_aniso_diffraction_limit_axis_1_ortho[1]   ? 
_reflns.pdbx_aniso_diffraction_limit_axis_1_ortho[2]   ? 
_reflns.pdbx_aniso_diffraction_limit_axis_1_ortho[3]   ? 
_reflns.pdbx_aniso_diffraction_limit_axis_2_ortho[1]   ? 
_reflns.pdbx_aniso_diffraction_limit_axis_2_ortho[2]   ? 
_reflns.pdbx_aniso_diffraction_limit_axis_2_ortho[3]   ? 
_reflns.pdbx_aniso_diffraction_limit_axis_3_ortho[1]   ? 
_reflns.pdbx_aniso_diffraction_limit_axis_3_ortho[2]   ? 
_reflns.pdbx_aniso_diffraction_limit_axis_3_ortho[3]   ? 
_reflns.pdbx_aniso_diffraction_limit_1                 ? 
_reflns.pdbx_aniso_diffraction_limit_2                 ? 
_reflns.pdbx_aniso_diffraction_limit_3                 ? 
_reflns.pdbx_aniso_B_tensor_eigenvector_1_ortho[1]     ? 
_reflns.pdbx_aniso_B_tensor_eigenvector_1_ortho[2]     ? 
_reflns.pdbx_aniso_B_tensor_eigenvector_1_ortho[3]     ? 
_reflns.pdbx_aniso_B_tensor_eigenvector_2_ortho[1]     ? 
_reflns.pdbx_aniso_B_tensor_eigenvector_2_ortho[2]     ? 
_reflns.pdbx_aniso_B_tensor_eigenvector_2_ortho[3]     ? 
_reflns.pdbx_aniso_B_tensor_eigenvector_3_ortho[1]     ? 
_reflns.pdbx_aniso_B_tensor_eigenvector_3_ortho[2]     ? 
_reflns.pdbx_aniso_B_tensor_eigenvector_3_ortho[3]     ? 
_reflns.pdbx_aniso_B_tensor_eigenvalue_1               ? 
_reflns.pdbx_aniso_B_tensor_eigenvalue_2               ? 
_reflns.pdbx_aniso_B_tensor_eigenvalue_3               ? 
_reflns.pdbx_orthogonalization_convention              ? 
_reflns.pdbx_percent_possible_ellipsoidal              ? 
_reflns.pdbx_percent_possible_spherical                ? 
_reflns.pdbx_percent_possible_ellipsoidal_anomalous    ? 
_reflns.pdbx_percent_possible_spherical_anomalous      ? 
_reflns.pdbx_redundancy_anomalous                      ? 
_reflns.pdbx_CC_half_anomalous                         ? 
_reflns.pdbx_absDiff_over_sigma_anomalous              ? 
_reflns.pdbx_percent_possible_anomalous                ? 
_reflns.pdbx_observed_signal_threshold                 ? 
_reflns.pdbx_signal_type                               ? 
_reflns.pdbx_signal_details                            ? 
_reflns.pdbx_signal_software_id                        ? 
# 
_reflns_shell.d_res_high                                    1.91 
_reflns_shell.d_res_low                                     1.95 
_reflns_shell.meanI_over_sigI_all                           ? 
_reflns_shell.meanI_over_sigI_obs                           ? 
_reflns_shell.number_measured_all                           ? 
_reflns_shell.number_measured_obs                           ? 
_reflns_shell.number_possible                               ? 
_reflns_shell.number_unique_all                             ? 
_reflns_shell.number_unique_obs                             262 
_reflns_shell.percent_possible_obs                          ? 
_reflns_shell.Rmerge_F_all                                  ? 
_reflns_shell.Rmerge_F_obs                                  ? 
_reflns_shell.meanI_over_sigI_gt                            ? 
_reflns_shell.meanI_over_uI_all                             ? 
_reflns_shell.meanI_over_uI_gt                              ? 
_reflns_shell.number_measured_gt                            ? 
_reflns_shell.number_unique_gt                              ? 
_reflns_shell.percent_possible_gt                           ? 
_reflns_shell.Rmerge_F_gt                                   ? 
_reflns_shell.Rmerge_I_gt                                   ? 
_reflns_shell.pdbx_redundancy                               ? 
_reflns_shell.pdbx_chi_squared                              ? 
_reflns_shell.pdbx_netI_over_sigmaI_all                     ? 
_reflns_shell.pdbx_netI_over_sigmaI_obs                     ? 
_reflns_shell.pdbx_Rrim_I_all                               ? 
_reflns_shell.pdbx_Rpim_I_all                               ? 
_reflns_shell.pdbx_rejects                                  ? 
_reflns_shell.pdbx_ordinal                                  1 
_reflns_shell.pdbx_diffrn_id                                1 
_reflns_shell.pdbx_CC_half                                  0.987 
_reflns_shell.pdbx_CC_star                                  ? 
_reflns_shell.pdbx_R_split                                  ? 
_reflns_shell.percent_possible_all                          ? 
_reflns_shell.Rmerge_I_all                                  ? 
_reflns_shell.Rmerge_I_obs                                  ? 
_reflns_shell.pdbx_Rsym_value                               ? 
_reflns_shell.pdbx_percent_possible_ellipsoidal             ? 
_reflns_shell.pdbx_percent_possible_spherical               ? 
_reflns_shell.pdbx_percent_possible_ellipsoidal_anomalous   ? 
_reflns_shell.pdbx_percent_possible_spherical_anomalous     ? 
_reflns_shell.pdbx_redundancy_anomalous                     ? 
_reflns_shell.pdbx_CC_half_anomalous                        ? 
_reflns_shell.pdbx_absDiff_over_sigma_anomalous             ? 
_reflns_shell.pdbx_percent_possible_anomalous               ? 
# 
_refine.aniso_B[1][1]                            ? 
_refine.aniso_B[1][2]                            ? 
_refine.aniso_B[1][3]                            ? 
_refine.aniso_B[2][2]                            ? 
_refine.aniso_B[2][3]                            ? 
_refine.aniso_B[3][3]                            ? 
_refine.B_iso_max                                97.810 
_refine.B_iso_mean                               55.0758 
_refine.B_iso_min                                27.890 
_refine.correlation_coeff_Fo_to_Fc               ? 
_refine.correlation_coeff_Fo_to_Fc_free          ? 
_refine.details                                  ? 
_refine.diff_density_max                         ? 
_refine.diff_density_max_esd                     ? 
_refine.diff_density_min                         ? 
_refine.diff_density_min_esd                     ? 
_refine.diff_density_rms                         ? 
_refine.diff_density_rms_esd                     ? 
_refine.entry_id                                 7TH0 
_refine.pdbx_refine_id                           'X-RAY DIFFRACTION' 
_refine.ls_abs_structure_details                 ? 
_refine.ls_abs_structure_Flack                   ? 
_refine.ls_abs_structure_Flack_esd               ? 
_refine.ls_abs_structure_Rogers                  ? 
_refine.ls_abs_structure_Rogers_esd              ? 
_refine.ls_d_res_high                            1.9000 
_refine.ls_d_res_low                             19.3600 
_refine.ls_extinction_coef                       ? 
_refine.ls_extinction_coef_esd                   ? 
_refine.ls_extinction_expression                 ? 
_refine.ls_extinction_method                     ? 
_refine.ls_goodness_of_fit_all                   ? 
_refine.ls_goodness_of_fit_all_esd               ? 
_refine.ls_goodness_of_fit_obs                   ? 
_refine.ls_goodness_of_fit_obs_esd               ? 
_refine.ls_hydrogen_treatment                    ? 
_refine.ls_matrix_type                           ? 
_refine.ls_number_constraints                    ? 
_refine.ls_number_parameters                     ? 
_refine.ls_number_reflns_all                     ? 
_refine.ls_number_reflns_obs                     3573 
_refine.ls_number_reflns_R_free                  108 
_refine.ls_number_reflns_R_work                  3465 
_refine.ls_number_restraints                     ? 
_refine.ls_percent_reflns_obs                    99.6700 
_refine.ls_percent_reflns_R_free                 3.0200 
_refine.ls_R_factor_all                          ? 
_refine.ls_R_factor_obs                          0.2258 
_refine.ls_R_factor_R_free                       0.2470 
_refine.ls_R_factor_R_free_error                 ? 
_refine.ls_R_factor_R_free_error_details         ? 
_refine.ls_R_factor_R_work                       0.2250 
_refine.ls_R_Fsqd_factor_obs                     ? 
_refine.ls_R_I_factor_obs                        ? 
_refine.ls_redundancy_reflns_all                 ? 
_refine.ls_redundancy_reflns_obs                 ? 
_refine.ls_restrained_S_all                      ? 
_refine.ls_restrained_S_obs                      ? 
_refine.ls_shift_over_esd_max                    ? 
_refine.ls_shift_over_esd_mean                   ? 
_refine.ls_structure_factor_coef                 ? 
_refine.ls_weighting_details                     ? 
_refine.ls_weighting_scheme                      ? 
_refine.ls_wR_factor_all                         ? 
_refine.ls_wR_factor_obs                         ? 
_refine.ls_wR_factor_R_free                      ? 
_refine.ls_wR_factor_R_work                      ? 
_refine.occupancy_max                            ? 
_refine.occupancy_min                            ? 
_refine.solvent_model_details                    'FLAT BULK SOLVENT MODEL' 
_refine.solvent_model_param_bsol                 ? 
_refine.solvent_model_param_ksol                 ? 
_refine.pdbx_R_complete                          ? 
_refine.ls_R_factor_gt                           ? 
_refine.ls_goodness_of_fit_gt                    ? 
_refine.ls_goodness_of_fit_ref                   ? 
_refine.ls_shift_over_su_max                     ? 
_refine.ls_shift_over_su_max_lt                  ? 
_refine.ls_shift_over_su_mean                    ? 
_refine.ls_shift_over_su_mean_lt                 ? 
_refine.pdbx_ls_sigma_I                          ? 
_refine.pdbx_ls_sigma_F                          2.020 
_refine.pdbx_ls_sigma_Fsqd                       ? 
_refine.pdbx_data_cutoff_high_absF               ? 
_refine.pdbx_data_cutoff_high_rms_absF           ? 
_refine.pdbx_data_cutoff_low_absF                ? 
_refine.pdbx_isotropic_thermal_model             ? 
_refine.pdbx_ls_cross_valid_method               THROUGHOUT 
_refine.pdbx_method_to_determine_struct          SAD 
_refine.pdbx_starting_model                      ? 
_refine.pdbx_stereochemistry_target_values       ML 
_refine.pdbx_R_Free_selection_details            ? 
_refine.pdbx_stereochem_target_val_spec_case     ? 
_refine.pdbx_overall_ESU_R                       ? 
_refine.pdbx_overall_ESU_R_Free                  ? 
_refine.pdbx_solvent_vdw_probe_radii             1.2000 
_refine.pdbx_solvent_ion_probe_radii             ? 
_refine.pdbx_solvent_shrinkage_radii             1.0000 
_refine.pdbx_real_space_R                        ? 
_refine.pdbx_density_correlation                 ? 
_refine.pdbx_pd_number_of_powder_patterns        ? 
_refine.pdbx_pd_number_of_points                 ? 
_refine.pdbx_pd_meas_number_of_points            ? 
_refine.pdbx_pd_proc_ls_prof_R_factor            ? 
_refine.pdbx_pd_proc_ls_prof_wR_factor           ? 
_refine.pdbx_pd_Marquardt_correlation_coeff      ? 
_refine.pdbx_pd_Fsqrd_R_factor                   ? 
_refine.pdbx_pd_ls_matrix_band_width             ? 
_refine.pdbx_overall_phase_error                 24.2900 
_refine.pdbx_overall_SU_R_free_Cruickshank_DPI   ? 
_refine.pdbx_overall_SU_R_free_Blow_DPI          ? 
_refine.pdbx_overall_SU_R_Blow_DPI               ? 
_refine.pdbx_TLS_residual_ADP_flag               ? 
_refine.pdbx_diffrn_id                           1 
_refine.overall_SU_B                             ? 
_refine.overall_SU_ML                            -0.0000 
_refine.overall_SU_R_Cruickshank_DPI             ? 
_refine.overall_SU_R_free                        ? 
_refine.overall_FOM_free_R_set                   ? 
_refine.overall_FOM_work_R_set                   ? 
_refine.pdbx_average_fsc_overall                 ? 
_refine.pdbx_average_fsc_work                    ? 
_refine.pdbx_average_fsc_free                    ? 
# 
_refine_hist.pdbx_refine_id                   'X-RAY DIFFRACTION' 
_refine_hist.cycle_id                         final 
_refine_hist.details                          ? 
_refine_hist.d_res_high                       1.9000 
_refine_hist.d_res_low                        19.3600 
_refine_hist.number_atoms_solvent             8 
_refine_hist.number_atoms_total               361 
_refine_hist.number_reflns_all                ? 
_refine_hist.number_reflns_obs                ? 
_refine_hist.number_reflns_R_free             ? 
_refine_hist.number_reflns_R_work             ? 
_refine_hist.R_factor_all                     ? 
_refine_hist.R_factor_obs                     ? 
_refine_hist.R_factor_R_free                  ? 
_refine_hist.R_factor_R_work                  ? 
_refine_hist.pdbx_number_residues_total       46 
_refine_hist.pdbx_B_iso_mean_ligand           ? 
_refine_hist.pdbx_B_iso_mean_solvent          56.12 
_refine_hist.pdbx_number_atoms_protein        353 
_refine_hist.pdbx_number_atoms_nucleic_acid   0 
_refine_hist.pdbx_number_atoms_ligand         0 
_refine_hist.pdbx_number_atoms_lipid          ? 
_refine_hist.pdbx_number_atoms_carb           ? 
_refine_hist.pdbx_pseudo_atom_details         ? 
# 
_refine_ls_shell.pdbx_refine_id                   'X-RAY DIFFRACTION' 
_refine_ls_shell.d_res_high                       1.9000 
_refine_ls_shell.d_res_low                        19.3600 
_refine_ls_shell.number_reflns_all                3573 
_refine_ls_shell.number_reflns_obs                ? 
_refine_ls_shell.number_reflns_R_free             108 
_refine_ls_shell.number_reflns_R_work             3465 
_refine_ls_shell.percent_reflns_obs               100.0000 
_refine_ls_shell.percent_reflns_R_free            ? 
_refine_ls_shell.R_factor_all                     ? 
_refine_ls_shell.R_factor_obs                     ? 
_refine_ls_shell.R_factor_R_free_error            0.0000 
_refine_ls_shell.R_factor_R_work                  0.2250 
_refine_ls_shell.redundancy_reflns_all            ? 
_refine_ls_shell.redundancy_reflns_obs            ? 
_refine_ls_shell.wR_factor_all                    ? 
_refine_ls_shell.wR_factor_obs                    ? 
_refine_ls_shell.wR_factor_R_free                 ? 
_refine_ls_shell.wR_factor_R_work                 ? 
_refine_ls_shell.pdbx_R_complete                  ? 
_refine_ls_shell.pdbx_total_number_of_bins_used   1 
_refine_ls_shell.pdbx_phase_error                 ? 
_refine_ls_shell.pdbx_fsc_work                    ? 
_refine_ls_shell.pdbx_fsc_free                    ? 
_refine_ls_shell.R_factor_R_free                  0.2470 
# 
_struct.entry_id                     7TH0 
_struct.title                        'Escherichia coli RpnA-S' 
_struct.pdbx_model_details           ? 
_struct.pdbx_formula_weight          ? 
_struct.pdbx_formula_weight_method   ? 
_struct.pdbx_model_type_details      ? 
_struct.pdbx_CASP_flag               N 
# 
_struct_keywords.entry_id        7TH0 
_struct_keywords.text            'toxin-antitoxin phage defense endonuclease abortive infection, ANTITOXIN' 
_struct_keywords.pdbx_keywords   ANTITOXIN 
# 
loop_
_struct_asym.id 
_struct_asym.pdbx_blank_PDB_chainid_flag 
_struct_asym.pdbx_modified 
_struct_asym.entity_id 
_struct_asym.details 
A N N 1 ? 
B N N 2 ? 
# 
_struct_ref.id                         1 
_struct_ref.db_name                    UNP 
_struct_ref.db_code                    RPNA_ECOLI 
_struct_ref.pdbx_db_accession          P31667 
_struct_ref.pdbx_db_isoform            ? 
_struct_ref.entity_id                  1 
_struct_ref.pdbx_seq_one_letter_code   MTIAERLRQEGEQSKALHIAKIMLESGVPLADIMRFTGLSEEELAAASQ 
_struct_ref.pdbx_align_begin           244 
# 
_struct_ref_seq.align_id                      1 
_struct_ref_seq.ref_id                        1 
_struct_ref_seq.pdbx_PDB_id_code              7TH0 
_struct_ref_seq.pdbx_strand_id                A 
_struct_ref_seq.seq_align_beg                 1 
_struct_ref_seq.pdbx_seq_align_beg_ins_code   ? 
_struct_ref_seq.seq_align_end                 49 
_struct_ref_seq.pdbx_seq_align_end_ins_code   ? 
_struct_ref_seq.pdbx_db_accession             P31667 
_struct_ref_seq.db_align_beg                  244 
_struct_ref_seq.pdbx_db_align_beg_ins_code    ? 
_struct_ref_seq.db_align_end                  292 
_struct_ref_seq.pdbx_db_align_end_ins_code    ? 
_struct_ref_seq.pdbx_auth_seq_align_beg       244 
_struct_ref_seq.pdbx_auth_seq_align_end       292 
# 
_pdbx_struct_assembly.id                   1 
_pdbx_struct_assembly.details              author_and_software_defined_assembly 
_pdbx_struct_assembly.method_details       PISA 
_pdbx_struct_assembly.oligomeric_details   dimeric 
_pdbx_struct_assembly.oligomeric_count     2 
# 
loop_
_pdbx_struct_assembly_prop.biol_id 
_pdbx_struct_assembly_prop.type 
_pdbx_struct_assembly_prop.value 
_pdbx_struct_assembly_prop.details 
1 'ABSA (A^2)' 1570 ? 
1 MORE         -12  ? 
1 'SSA (A^2)'  5950 ? 
# 
_pdbx_struct_assembly_gen.assembly_id       1 
_pdbx_struct_assembly_gen.oper_expression   1,2 
_pdbx_struct_assembly_gen.asym_id_list      A,B 
# 
_pdbx_struct_assembly_auth_evidence.id                     1 
_pdbx_struct_assembly_auth_evidence.assembly_id            1 
_pdbx_struct_assembly_auth_evidence.experimental_support   'light scattering' 
_pdbx_struct_assembly_auth_evidence.details                ? 
# 
loop_
_pdbx_struct_oper_list.id 
_pdbx_struct_oper_list.type 
_pdbx_struct_oper_list.name 
_pdbx_struct_oper_list.symmetry_operation 
_pdbx_struct_oper_list.matrix[1][1] 
_pdbx_struct_oper_list.matrix[1][2] 
_pdbx_struct_oper_list.matrix[1][3] 
_pdbx_struct_oper_list.vector[1] 
_pdbx_struct_oper_list.matrix[2][1] 
_pdbx_struct_oper_list.matrix[2][2] 
_pdbx_struct_oper_list.matrix[2][3] 
_pdbx_struct_oper_list.vector[2] 
_pdbx_struct_oper_list.matrix[3][1] 
_pdbx_struct_oper_list.matrix[3][2] 
_pdbx_struct_oper_list.matrix[3][3] 
_pdbx_struct_oper_list.vector[3] 
1 'identity operation'         1_555 x,y,z         1.0000000000  0.0000000000  0.0000000000 0.0000000000 0.0000000000  1.0000000000 0.0000000000  0.0000000000 0.0000000000 0.0000000000  1.0000000000  0.0000000000  
2 'crystal symmetry operation' 3_655 -x+1,y,-z+1/2 -0.9143195857 -0.3742168415 0.1548594550 0.6692867589 -0.3742168415 0.6344253881 -0.6763624638 4.8287011712 0.1548594550 -0.6763624638 -0.7201058024 11.2982222067 
# 
loop_
_struct_conf.conf_type_id 
_struct_conf.id 
_struct_conf.pdbx_PDB_helix_id 
_struct_conf.beg_label_comp_id 
_struct_conf.beg_label_asym_id 
_struct_conf.beg_label_seq_id 
_struct_conf.pdbx_beg_PDB_ins_code 
_struct_conf.end_label_comp_id 
_struct_conf.end_label_asym_id 
_struct_conf.end_label_seq_id 
_struct_conf.pdbx_end_PDB_ins_code 
_struct_conf.beg_auth_comp_id 
_struct_conf.beg_auth_asym_id 
_struct_conf.beg_auth_seq_id 
_struct_conf.end_auth_comp_id 
_struct_conf.end_auth_asym_id 
_struct_conf.end_auth_seq_id 
_struct_conf.pdbx_PDB_helix_class 
_struct_conf.details 
_struct_conf.pdbx_PDB_helix_length 
HELX_P HELX_P1 AA1 THR A 2  ? SER A 26 ? THR A 245 SER A 269 1 ? 25 
HELX_P HELX_P2 AA2 PRO A 29 ? GLY A 38 ? PRO A 272 GLY A 281 1 ? 10 
HELX_P HELX_P3 AA3 SER A 40 ? ALA A 46 ? SER A 283 ALA A 289 1 ? 7  
# 
_struct_conf_type.id          HELX_P 
_struct_conf_type.criteria    ? 
_struct_conf_type.reference   ? 
# 
loop_
_struct_conn.id 
_struct_conn.conn_type_id 
_struct_conn.pdbx_leaving_atom_flag 
_struct_conn.pdbx_PDB_id 
_struct_conn.ptnr1_label_asym_id 
_struct_conn.ptnr1_label_comp_id 
_struct_conn.ptnr1_label_seq_id 
_struct_conn.ptnr1_label_atom_id 
_struct_conn.pdbx_ptnr1_label_alt_id 
_struct_conn.pdbx_ptnr1_PDB_ins_code 
_struct_conn.pdbx_ptnr1_standard_comp_id 
_struct_conn.ptnr1_symmetry 
_struct_conn.ptnr2_label_asym_id 
_struct_conn.ptnr2_label_comp_id 
_struct_conn.ptnr2_label_seq_id 
_struct_conn.ptnr2_label_atom_id 
_struct_conn.pdbx_ptnr2_label_alt_id 
_struct_conn.pdbx_ptnr2_PDB_ins_code 
_struct_conn.ptnr1_auth_asym_id 
_struct_conn.ptnr1_auth_comp_id 
_struct_conn.ptnr1_auth_seq_id 
_struct_conn.ptnr2_auth_asym_id 
_struct_conn.ptnr2_auth_comp_id 
_struct_conn.ptnr2_auth_seq_id 
_struct_conn.ptnr2_symmetry 
_struct_conn.pdbx_ptnr3_label_atom_id 
_struct_conn.pdbx_ptnr3_label_seq_id 
_struct_conn.pdbx_ptnr3_label_comp_id 
_struct_conn.pdbx_ptnr3_label_asym_id 
_struct_conn.pdbx_ptnr3_label_alt_id 
_struct_conn.pdbx_ptnr3_PDB_ins_code 
_struct_conn.details 
_struct_conn.pdbx_dist_value 
_struct_conn.pdbx_value_order 
_struct_conn.pdbx_role 
covale1 covale both ? A MSE 1  C ? ? ? 1_555 A THR 2  N ? ? A MSE 244 A THR 245 1_555 ? ? ? ? ? ? ? 1.332 ? ? 
covale2 covale both ? A ILE 22 C ? ? ? 1_555 A MSE 23 N ? ? A ILE 265 A MSE 266 1_555 ? ? ? ? ? ? ? 1.325 ? ? 
covale3 covale both ? A MSE 23 C ? ? ? 1_555 A LEU 24 N ? ? A MSE 266 A LEU 267 1_555 ? ? ? ? ? ? ? 1.338 ? ? 
covale4 covale both ? A ILE 33 C ? ? ? 1_555 A MSE 34 N ? ? A ILE 276 A MSE 277 1_555 ? ? ? ? ? ? ? 1.328 ? ? 
covale5 covale both ? A MSE 34 C ? ? ? 1_555 A ARG 35 N ? ? A MSE 277 A ARG 278 1_555 ? ? ? ? ? ? ? 1.336 ? ? 
# 
_struct_conn_type.id          covale 
_struct_conn_type.criteria    ? 
_struct_conn_type.reference   ? 
# 
loop_
_pdbx_modification_feature.ordinal 
_pdbx_modification_feature.label_comp_id 
_pdbx_modification_feature.label_asym_id 
_pdbx_modification_feature.label_seq_id 
_pdbx_modification_feature.label_alt_id 
_pdbx_modification_feature.modified_residue_label_comp_id 
_pdbx_modification_feature.modified_residue_label_asym_id 
_pdbx_modification_feature.modified_residue_label_seq_id 
_pdbx_modification_feature.modified_residue_label_alt_id 
_pdbx_modification_feature.auth_comp_id 
_pdbx_modification_feature.auth_asym_id 
_pdbx_modification_feature.auth_seq_id 
_pdbx_modification_feature.PDB_ins_code 
_pdbx_modification_feature.symmetry 
_pdbx_modification_feature.modified_residue_auth_comp_id 
_pdbx_modification_feature.modified_residue_auth_asym_id 
_pdbx_modification_feature.modified_residue_auth_seq_id 
_pdbx_modification_feature.modified_residue_PDB_ins_code 
_pdbx_modification_feature.modified_residue_symmetry 
_pdbx_modification_feature.comp_id_linking_atom 
_pdbx_modification_feature.modified_residue_id_linking_atom 
_pdbx_modification_feature.modified_residue_id 
_pdbx_modification_feature.ref_pcm_id 
_pdbx_modification_feature.ref_comp_id 
_pdbx_modification_feature.type 
_pdbx_modification_feature.category 
1 MSE A 1  ? . . . . MSE A 244 ? 1_555 . . . . . . . MET 1 MSE Selenomethionine 'Named protein modification' 
2 MSE A 23 ? . . . . MSE A 266 ? 1_555 . . . . . . . MET 1 MSE Selenomethionine 'Named protein modification' 
3 MSE A 34 ? . . . . MSE A 277 ? 1_555 . . . . . . . MET 1 MSE Selenomethionine 'Named protein modification' 
# 
_pdbx_entry_details.entry_id                   7TH0 
_pdbx_entry_details.nonpolymer_details         ? 
_pdbx_entry_details.sequence_details           ? 
_pdbx_entry_details.compound_details           ? 
_pdbx_entry_details.source_details             ? 
_pdbx_entry_details.has_ligand_of_interest     Y 
_pdbx_entry_details.has_protein_modification   Y 
# 
loop_
_pdbx_struct_mod_residue.id 
_pdbx_struct_mod_residue.label_asym_id 
_pdbx_struct_mod_residue.label_comp_id 
_pdbx_struct_mod_residue.label_seq_id 
_pdbx_struct_mod_residue.auth_asym_id 
_pdbx_struct_mod_residue.auth_comp_id 
_pdbx_struct_mod_residue.auth_seq_id 
_pdbx_struct_mod_residue.PDB_ins_code 
_pdbx_struct_mod_residue.parent_comp_id 
_pdbx_struct_mod_residue.details 
1 A MSE 1  A MSE 244 ? MET 'modified residue' 
2 A MSE 23 A MSE 266 ? MET 'modified residue' 
3 A MSE 34 A MSE 277 ? MET 'modified residue' 
# 
loop_
_pdbx_refine_tls.id 
_pdbx_refine_tls.pdbx_refine_id 
_pdbx_refine_tls.details 
_pdbx_refine_tls.method 
_pdbx_refine_tls.origin_x 
_pdbx_refine_tls.origin_y 
_pdbx_refine_tls.origin_z 
_pdbx_refine_tls.T[1][1] 
_pdbx_refine_tls.T[1][1]_esd 
_pdbx_refine_tls.T[1][2] 
_pdbx_refine_tls.T[1][2]_esd 
_pdbx_refine_tls.T[1][3] 
_pdbx_refine_tls.T[1][3]_esd 
_pdbx_refine_tls.T[2][2] 
_pdbx_refine_tls.T[2][2]_esd 
_pdbx_refine_tls.T[2][3] 
_pdbx_refine_tls.T[2][3]_esd 
_pdbx_refine_tls.T[3][3] 
_pdbx_refine_tls.T[3][3]_esd 
_pdbx_refine_tls.L[1][1] 
_pdbx_refine_tls.L[1][1]_esd 
_pdbx_refine_tls.L[1][2] 
_pdbx_refine_tls.L[1][2]_esd 
_pdbx_refine_tls.L[1][3] 
_pdbx_refine_tls.L[1][3]_esd 
_pdbx_refine_tls.L[2][2] 
_pdbx_refine_tls.L[2][2]_esd 
_pdbx_refine_tls.L[2][3] 
_pdbx_refine_tls.L[2][3]_esd 
_pdbx_refine_tls.L[3][3] 
_pdbx_refine_tls.L[3][3]_esd 
_pdbx_refine_tls.S[1][1] 
_pdbx_refine_tls.S[1][1]_esd 
_pdbx_refine_tls.S[1][2] 
_pdbx_refine_tls.S[1][2]_esd 
_pdbx_refine_tls.S[1][3] 
_pdbx_refine_tls.S[1][3]_esd 
_pdbx_refine_tls.S[2][1] 
_pdbx_refine_tls.S[2][1]_esd 
_pdbx_refine_tls.S[2][2] 
_pdbx_refine_tls.S[2][2]_esd 
_pdbx_refine_tls.S[2][3] 
_pdbx_refine_tls.S[2][3]_esd 
_pdbx_refine_tls.S[3][1] 
_pdbx_refine_tls.S[3][1]_esd 
_pdbx_refine_tls.S[3][2] 
_pdbx_refine_tls.S[3][2]_esd 
_pdbx_refine_tls.S[3][3] 
_pdbx_refine_tls.S[3][3]_esd 
1 'X-RAY DIFFRACTION' ? refined 0.9917  -4.3167 4.4045  0.4087 ? 0.0246  ? -0.0012 ? 0.3928 ? -0.0256 ? 0.3163 ? 3.7593 ? 2.7211  ? 0.4156 ? 5.4818 ? -1.3220 ? 5.4950 ? 0.5285 ? 0.4957 ? -0.1431 ? -0.5525 ? -0.3146 ? -0.3359 ? 0.2836  ? 0.3008 ? 0.1378  ? 
2 'X-RAY DIFFRACTION' ? refined -0.2562 9.2344  -3.7930 0.5041 ? -0.0817 ? -0.1186 ? 0.5122 ? 0.3390  ? 0.3946 ? 3.1883 ? -1.2384 ? 3.7025 ? 1.0411 ? -0.3680 ? 6.3145 ? 0.1247 ? 2.0862 ? 1.3462  ? -0.9206 ? 0.3244  ? 0.2448  ? -1.3617 ? 1.3142 ? 0.1890  ? 
3 'X-RAY DIFFRACTION' ? refined -0.1177 -0.9449 -7.6700 1.1150 ? 0.2141  ? 0.0325  ? 0.6340 ? 0.0758  ? 0.5129 ? 4.4610 ? -1.5398 ? 0.3764 ? 5.0608 ? -1.0249 ? 6.2783 ? 0.4272 ? 1.7408 ? -0.1779 ? -3.0721 ? -0.0644 ? -0.2279 ? 1.7053  ? 2.0331 ? -0.2347 ? 
# 
loop_
_pdbx_refine_tls_group.id 
_pdbx_refine_tls_group.pdbx_refine_id 
_pdbx_refine_tls_group.refine_tls_id 
_pdbx_refine_tls_group.beg_label_asym_id 
_pdbx_refine_tls_group.beg_label_seq_id 
_pdbx_refine_tls_group.beg_auth_asym_id 
_pdbx_refine_tls_group.beg_auth_seq_id 
_pdbx_refine_tls_group.beg_PDB_ins_code 
_pdbx_refine_tls_group.end_label_asym_id 
_pdbx_refine_tls_group.end_label_seq_id 
_pdbx_refine_tls_group.end_auth_asym_id 
_pdbx_refine_tls_group.end_auth_seq_id 
_pdbx_refine_tls_group.end_PDB_ins_code 
_pdbx_refine_tls_group.selection 
_pdbx_refine_tls_group.selection_details 
1 'X-RAY DIFFRACTION' 1 ? ? A 244 ? ? ? A 268 ? ? 
;chain 'A' and (resid 244 through 268 )
;
2 'X-RAY DIFFRACTION' 2 ? ? A 269 ? ? ? A 280 ? ? 
;chain 'A' and (resid 269 through 280 )
;
3 'X-RAY DIFFRACTION' 3 ? ? A 281 ? ? ? A 289 ? ? 
;chain 'A' and (resid 281 through 289 )
;
# 
loop_
_pdbx_unobs_or_zero_occ_residues.id 
_pdbx_unobs_or_zero_occ_residues.PDB_model_num 
_pdbx_unobs_or_zero_occ_residues.polymer_flag 
_pdbx_unobs_or_zero_occ_residues.occupancy_flag 
_pdbx_unobs_or_zero_occ_residues.auth_asym_id 
_pdbx_unobs_or_zero_occ_residues.auth_comp_id 
_pdbx_unobs_or_zero_occ_residues.auth_seq_id 
_pdbx_unobs_or_zero_occ_residues.PDB_ins_code 
_pdbx_unobs_or_zero_occ_residues.label_asym_id 
_pdbx_unobs_or_zero_occ_residues.label_comp_id 
_pdbx_unobs_or_zero_occ_residues.label_seq_id 
1 1 Y 1 A ALA 290 ? A ALA 47 
2 1 Y 1 A SER 291 ? A SER 48 
3 1 Y 1 A GLN 292 ? A GLN 49 
# 
loop_
_chem_comp_atom.comp_id 
_chem_comp_atom.atom_id 
_chem_comp_atom.type_symbol 
_chem_comp_atom.pdbx_aromatic_flag 
_chem_comp_atom.pdbx_stereo_config 
_chem_comp_atom.pdbx_ordinal 
ALA N    N  N N 1   
ALA CA   C  N S 2   
ALA C    C  N N 3   
ALA O    O  N N 4   
ALA CB   C  N N 5   
ALA OXT  O  N N 6   
ALA H    H  N N 7   
ALA H2   H  N N 8   
ALA HA   H  N N 9   
ALA HB1  H  N N 10  
ALA HB2  H  N N 11  
ALA HB3  H  N N 12  
ALA HXT  H  N N 13  
ARG N    N  N N 14  
ARG CA   C  N S 15  
ARG C    C  N N 16  
ARG O    O  N N 17  
ARG CB   C  N N 18  
ARG CG   C  N N 19  
ARG CD   C  N N 20  
ARG NE   N  N N 21  
ARG CZ   C  N N 22  
ARG NH1  N  N N 23  
ARG NH2  N  N N 24  
ARG OXT  O  N N 25  
ARG H    H  N N 26  
ARG H2   H  N N 27  
ARG HA   H  N N 28  
ARG HB2  H  N N 29  
ARG HB3  H  N N 30  
ARG HG2  H  N N 31  
ARG HG3  H  N N 32  
ARG HD2  H  N N 33  
ARG HD3  H  N N 34  
ARG HE   H  N N 35  
ARG HH11 H  N N 36  
ARG HH12 H  N N 37  
ARG HH21 H  N N 38  
ARG HH22 H  N N 39  
ARG HXT  H  N N 40  
ASP N    N  N N 41  
ASP CA   C  N S 42  
ASP C    C  N N 43  
ASP O    O  N N 44  
ASP CB   C  N N 45  
ASP CG   C  N N 46  
ASP OD1  O  N N 47  
ASP OD2  O  N N 48  
ASP OXT  O  N N 49  
ASP H    H  N N 50  
ASP H2   H  N N 51  
ASP HA   H  N N 52  
ASP HB2  H  N N 53  
ASP HB3  H  N N 54  
ASP HD2  H  N N 55  
ASP HXT  H  N N 56  
GLN N    N  N N 57  
GLN CA   C  N S 58  
GLN C    C  N N 59  
GLN O    O  N N 60  
GLN CB   C  N N 61  
GLN CG   C  N N 62  
GLN CD   C  N N 63  
GLN OE1  O  N N 64  
GLN NE2  N  N N 65  
GLN OXT  O  N N 66  
GLN H    H  N N 67  
GLN H2   H  N N 68  
GLN HA   H  N N 69  
GLN HB2  H  N N 70  
GLN HB3  H  N N 71  
GLN HG2  H  N N 72  
GLN HG3  H  N N 73  
GLN HE21 H  N N 74  
GLN HE22 H  N N 75  
GLN HXT  H  N N 76  
GLU N    N  N N 77  
GLU CA   C  N S 78  
GLU C    C  N N 79  
GLU O    O  N N 80  
GLU CB   C  N N 81  
GLU CG   C  N N 82  
GLU CD   C  N N 83  
GLU OE1  O  N N 84  
GLU OE2  O  N N 85  
GLU OXT  O  N N 86  
GLU H    H  N N 87  
GLU H2   H  N N 88  
GLU HA   H  N N 89  
GLU HB2  H  N N 90  
GLU HB3  H  N N 91  
GLU HG2  H  N N 92  
GLU HG3  H  N N 93  
GLU HE2  H  N N 94  
GLU HXT  H  N N 95  
GLY N    N  N N 96  
GLY CA   C  N N 97  
GLY C    C  N N 98  
GLY O    O  N N 99  
GLY OXT  O  N N 100 
GLY H    H  N N 101 
GLY H2   H  N N 102 
GLY HA2  H  N N 103 
GLY HA3  H  N N 104 
GLY HXT  H  N N 105 
HIS N    N  N N 106 
HIS CA   C  N S 107 
HIS C    C  N N 108 
HIS O    O  N N 109 
HIS CB   C  N N 110 
HIS CG   C  Y N 111 
HIS ND1  N  Y N 112 
HIS CD2  C  Y N 113 
HIS CE1  C  Y N 114 
HIS NE2  N  Y N 115 
HIS OXT  O  N N 116 
HIS H    H  N N 117 
HIS H2   H  N N 118 
HIS HA   H  N N 119 
HIS HB2  H  N N 120 
HIS HB3  H  N N 121 
HIS HD1  H  N N 122 
HIS HD2  H  N N 123 
HIS HE1  H  N N 124 
HIS HE2  H  N N 125 
HIS HXT  H  N N 126 
HOH O    O  N N 127 
HOH H1   H  N N 128 
HOH H2   H  N N 129 
ILE N    N  N N 130 
ILE CA   C  N S 131 
ILE C    C  N N 132 
ILE O    O  N N 133 
ILE CB   C  N S 134 
ILE CG1  C  N N 135 
ILE CG2  C  N N 136 
ILE CD1  C  N N 137 
ILE OXT  O  N N 138 
ILE H    H  N N 139 
ILE H2   H  N N 140 
ILE HA   H  N N 141 
ILE HB   H  N N 142 
ILE HG12 H  N N 143 
ILE HG13 H  N N 144 
ILE HG21 H  N N 145 
ILE HG22 H  N N 146 
ILE HG23 H  N N 147 
ILE HD11 H  N N 148 
ILE HD12 H  N N 149 
ILE HD13 H  N N 150 
ILE HXT  H  N N 151 
LEU N    N  N N 152 
LEU CA   C  N S 153 
LEU C    C  N N 154 
LEU O    O  N N 155 
LEU CB   C  N N 156 
LEU CG   C  N N 157 
LEU CD1  C  N N 158 
LEU CD2  C  N N 159 
LEU OXT  O  N N 160 
LEU H    H  N N 161 
LEU H2   H  N N 162 
LEU HA   H  N N 163 
LEU HB2  H  N N 164 
LEU HB3  H  N N 165 
LEU HG   H  N N 166 
LEU HD11 H  N N 167 
LEU HD12 H  N N 168 
LEU HD13 H  N N 169 
LEU HD21 H  N N 170 
LEU HD22 H  N N 171 
LEU HD23 H  N N 172 
LEU HXT  H  N N 173 
LYS N    N  N N 174 
LYS CA   C  N S 175 
LYS C    C  N N 176 
LYS O    O  N N 177 
LYS CB   C  N N 178 
LYS CG   C  N N 179 
LYS CD   C  N N 180 
LYS CE   C  N N 181 
LYS NZ   N  N N 182 
LYS OXT  O  N N 183 
LYS H    H  N N 184 
LYS H2   H  N N 185 
LYS HA   H  N N 186 
LYS HB2  H  N N 187 
LYS HB3  H  N N 188 
LYS HG2  H  N N 189 
LYS HG3  H  N N 190 
LYS HD2  H  N N 191 
LYS HD3  H  N N 192 
LYS HE2  H  N N 193 
LYS HE3  H  N N 194 
LYS HZ1  H  N N 195 
LYS HZ2  H  N N 196 
LYS HZ3  H  N N 197 
LYS HXT  H  N N 198 
MSE N    N  N N 199 
MSE CA   C  N S 200 
MSE C    C  N N 201 
MSE O    O  N N 202 
MSE OXT  O  N N 203 
MSE CB   C  N N 204 
MSE CG   C  N N 205 
MSE SE   SE N N 206 
MSE CE   C  N N 207 
MSE H    H  N N 208 
MSE H2   H  N N 209 
MSE HA   H  N N 210 
MSE HXT  H  N N 211 
MSE HB2  H  N N 212 
MSE HB3  H  N N 213 
MSE HG2  H  N N 214 
MSE HG3  H  N N 215 
MSE HE1  H  N N 216 
MSE HE2  H  N N 217 
MSE HE3  H  N N 218 
PHE N    N  N N 219 
PHE CA   C  N S 220 
PHE C    C  N N 221 
PHE O    O  N N 222 
PHE CB   C  N N 223 
PHE CG   C  Y N 224 
PHE CD1  C  Y N 225 
PHE CD2  C  Y N 226 
PHE CE1  C  Y N 227 
PHE CE2  C  Y N 228 
PHE CZ   C  Y N 229 
PHE OXT  O  N N 230 
PHE H    H  N N 231 
PHE H2   H  N N 232 
PHE HA   H  N N 233 
PHE HB2  H  N N 234 
PHE HB3  H  N N 235 
PHE HD1  H  N N 236 
PHE HD2  H  N N 237 
PHE HE1  H  N N 238 
PHE HE2  H  N N 239 
PHE HZ   H  N N 240 
PHE HXT  H  N N 241 
PRO N    N  N N 242 
PRO CA   C  N S 243 
PRO C    C  N N 244 
PRO O    O  N N 245 
PRO CB   C  N N 246 
PRO CG   C  N N 247 
PRO CD   C  N N 248 
PRO OXT  O  N N 249 
PRO H    H  N N 250 
PRO HA   H  N N 251 
PRO HB2  H  N N 252 
PRO HB3  H  N N 253 
PRO HG2  H  N N 254 
PRO HG3  H  N N 255 
PRO HD2  H  N N 256 
PRO HD3  H  N N 257 
PRO HXT  H  N N 258 
SER N    N  N N 259 
SER CA   C  N S 260 
SER C    C  N N 261 
SER O    O  N N 262 
SER CB   C  N N 263 
SER OG   O  N N 264 
SER OXT  O  N N 265 
SER H    H  N N 266 
SER H2   H  N N 267 
SER HA   H  N N 268 
SER HB2  H  N N 269 
SER HB3  H  N N 270 
SER HG   H  N N 271 
SER HXT  H  N N 272 
THR N    N  N N 273 
THR CA   C  N S 274 
THR C    C  N N 275 
THR O    O  N N 276 
THR CB   C  N R 277 
THR OG1  O  N N 278 
THR CG2  C  N N 279 
THR OXT  O  N N 280 
THR H    H  N N 281 
THR H2   H  N N 282 
THR HA   H  N N 283 
THR HB   H  N N 284 
THR HG1  H  N N 285 
THR HG21 H  N N 286 
THR HG22 H  N N 287 
THR HG23 H  N N 288 
THR HXT  H  N N 289 
VAL N    N  N N 290 
VAL CA   C  N S 291 
VAL C    C  N N 292 
VAL O    O  N N 293 
VAL CB   C  N N 294 
VAL CG1  C  N N 295 
VAL CG2  C  N N 296 
VAL OXT  O  N N 297 
VAL H    H  N N 298 
VAL H2   H  N N 299 
VAL HA   H  N N 300 
VAL HB   H  N N 301 
VAL HG11 H  N N 302 
VAL HG12 H  N N 303 
VAL HG13 H  N N 304 
VAL HG21 H  N N 305 
VAL HG22 H  N N 306 
VAL HG23 H  N N 307 
VAL HXT  H  N N 308 
# 
loop_
_chem_comp_bond.comp_id 
_chem_comp_bond.atom_id_1 
_chem_comp_bond.atom_id_2 
_chem_comp_bond.value_order 
_chem_comp_bond.pdbx_aromatic_flag 
_chem_comp_bond.pdbx_stereo_config 
_chem_comp_bond.pdbx_ordinal 
ALA N   CA   sing N N 1   
ALA N   H    sing N N 2   
ALA N   H2   sing N N 3   
ALA CA  C    sing N N 4   
ALA CA  CB   sing N N 5   
ALA CA  HA   sing N N 6   
ALA C   O    doub N N 7   
ALA C   OXT  sing N N 8   
ALA CB  HB1  sing N N 9   
ALA CB  HB2  sing N N 10  
ALA CB  HB3  sing N N 11  
ALA OXT HXT  sing N N 12  
ARG N   CA   sing N N 13  
ARG N   H    sing N N 14  
ARG N   H2   sing N N 15  
ARG CA  C    sing N N 16  
ARG CA  CB   sing N N 17  
ARG CA  HA   sing N N 18  
ARG C   O    doub N N 19  
ARG C   OXT  sing N N 20  
ARG CB  CG   sing N N 21  
ARG CB  HB2  sing N N 22  
ARG CB  HB3  sing N N 23  
ARG CG  CD   sing N N 24  
ARG CG  HG2  sing N N 25  
ARG CG  HG3  sing N N 26  
ARG CD  NE   sing N N 27  
ARG CD  HD2  sing N N 28  
ARG CD  HD3  sing N N 29  
ARG NE  CZ   sing N N 30  
ARG NE  HE   sing N N 31  
ARG CZ  NH1  sing N N 32  
ARG CZ  NH2  doub N N 33  
ARG NH1 HH11 sing N N 34  
ARG NH1 HH12 sing N N 35  
ARG NH2 HH21 sing N N 36  
ARG NH2 HH22 sing N N 37  
ARG OXT HXT  sing N N 38  
ASP N   CA   sing N N 39  
ASP N   H    sing N N 40  
ASP N   H2   sing N N 41  
ASP CA  C    sing N N 42  
ASP CA  CB   sing N N 43  
ASP CA  HA   sing N N 44  
ASP C   O    doub N N 45  
ASP C   OXT  sing N N 46  
ASP CB  CG   sing N N 47  
ASP CB  HB2  sing N N 48  
ASP CB  HB3  sing N N 49  
ASP CG  OD1  doub N N 50  
ASP CG  OD2  sing N N 51  
ASP OD2 HD2  sing N N 52  
ASP OXT HXT  sing N N 53  
GLN N   CA   sing N N 54  
GLN N   H    sing N N 55  
GLN N   H2   sing N N 56  
GLN CA  C    sing N N 57  
GLN CA  CB   sing N N 58  
GLN CA  HA   sing N N 59  
GLN C   O    doub N N 60  
GLN C   OXT  sing N N 61  
GLN CB  CG   sing N N 62  
GLN CB  HB2  sing N N 63  
GLN CB  HB3  sing N N 64  
GLN CG  CD   sing N N 65  
GLN CG  HG2  sing N N 66  
GLN CG  HG3  sing N N 67  
GLN CD  OE1  doub N N 68  
GLN CD  NE2  sing N N 69  
GLN NE2 HE21 sing N N 70  
GLN NE2 HE22 sing N N 71  
GLN OXT HXT  sing N N 72  
GLU N   CA   sing N N 73  
GLU N   H    sing N N 74  
GLU N   H2   sing N N 75  
GLU CA  C    sing N N 76  
GLU CA  CB   sing N N 77  
GLU CA  HA   sing N N 78  
GLU C   O    doub N N 79  
GLU C   OXT  sing N N 80  
GLU CB  CG   sing N N 81  
GLU CB  HB2  sing N N 82  
GLU CB  HB3  sing N N 83  
GLU CG  CD   sing N N 84  
GLU CG  HG2  sing N N 85  
GLU CG  HG3  sing N N 86  
GLU CD  OE1  doub N N 87  
GLU CD  OE2  sing N N 88  
GLU OE2 HE2  sing N N 89  
GLU OXT HXT  sing N N 90  
GLY N   CA   sing N N 91  
GLY N   H    sing N N 92  
GLY N   H2   sing N N 93  
GLY CA  C    sing N N 94  
GLY CA  HA2  sing N N 95  
GLY CA  HA3  sing N N 96  
GLY C   O    doub N N 97  
GLY C   OXT  sing N N 98  
GLY OXT HXT  sing N N 99  
HIS N   CA   sing N N 100 
HIS N   H    sing N N 101 
HIS N   H2   sing N N 102 
HIS CA  C    sing N N 103 
HIS CA  CB   sing N N 104 
HIS CA  HA   sing N N 105 
HIS C   O    doub N N 106 
HIS C   OXT  sing N N 107 
HIS CB  CG   sing N N 108 
HIS CB  HB2  sing N N 109 
HIS CB  HB3  sing N N 110 
HIS CG  ND1  sing Y N 111 
HIS CG  CD2  doub Y N 112 
HIS ND1 CE1  doub Y N 113 
HIS ND1 HD1  sing N N 114 
HIS CD2 NE2  sing Y N 115 
HIS CD2 HD2  sing N N 116 
HIS CE1 NE2  sing Y N 117 
HIS CE1 HE1  sing N N 118 
HIS NE2 HE2  sing N N 119 
HIS OXT HXT  sing N N 120 
HOH O   H1   sing N N 121 
HOH O   H2   sing N N 122 
ILE N   CA   sing N N 123 
ILE N   H    sing N N 124 
ILE N   H2   sing N N 125 
ILE CA  C    sing N N 126 
ILE CA  CB   sing N N 127 
ILE CA  HA   sing N N 128 
ILE C   O    doub N N 129 
ILE C   OXT  sing N N 130 
ILE CB  CG1  sing N N 131 
ILE CB  CG2  sing N N 132 
ILE CB  HB   sing N N 133 
ILE CG1 CD1  sing N N 134 
ILE CG1 HG12 sing N N 135 
ILE CG1 HG13 sing N N 136 
ILE CG2 HG21 sing N N 137 
ILE CG2 HG22 sing N N 138 
ILE CG2 HG23 sing N N 139 
ILE CD1 HD11 sing N N 140 
ILE CD1 HD12 sing N N 141 
ILE CD1 HD13 sing N N 142 
ILE OXT HXT  sing N N 143 
LEU N   CA   sing N N 144 
LEU N   H    sing N N 145 
LEU N   H2   sing N N 146 
LEU CA  C    sing N N 147 
LEU CA  CB   sing N N 148 
LEU CA  HA   sing N N 149 
LEU C   O    doub N N 150 
LEU C   OXT  sing N N 151 
LEU CB  CG   sing N N 152 
LEU CB  HB2  sing N N 153 
LEU CB  HB3  sing N N 154 
LEU CG  CD1  sing N N 155 
LEU CG  CD2  sing N N 156 
LEU CG  HG   sing N N 157 
LEU CD1 HD11 sing N N 158 
LEU CD1 HD12 sing N N 159 
LEU CD1 HD13 sing N N 160 
LEU CD2 HD21 sing N N 161 
LEU CD2 HD22 sing N N 162 
LEU CD2 HD23 sing N N 163 
LEU OXT HXT  sing N N 164 
LYS N   CA   sing N N 165 
LYS N   H    sing N N 166 
LYS N   H2   sing N N 167 
LYS CA  C    sing N N 168 
LYS CA  CB   sing N N 169 
LYS CA  HA   sing N N 170 
LYS C   O    doub N N 171 
LYS C   OXT  sing N N 172 
LYS CB  CG   sing N N 173 
LYS CB  HB2  sing N N 174 
LYS CB  HB3  sing N N 175 
LYS CG  CD   sing N N 176 
LYS CG  HG2  sing N N 177 
LYS CG  HG3  sing N N 178 
LYS CD  CE   sing N N 179 
LYS CD  HD2  sing N N 180 
LYS CD  HD3  sing N N 181 
LYS CE  NZ   sing N N 182 
LYS CE  HE2  sing N N 183 
LYS CE  HE3  sing N N 184 
LYS NZ  HZ1  sing N N 185 
LYS NZ  HZ2  sing N N 186 
LYS NZ  HZ3  sing N N 187 
LYS OXT HXT  sing N N 188 
MSE N   CA   sing N N 189 
MSE N   H    sing N N 190 
MSE N   H2   sing N N 191 
MSE CA  C    sing N N 192 
MSE CA  CB   sing N N 193 
MSE CA  HA   sing N N 194 
MSE C   O    doub N N 195 
MSE C   OXT  sing N N 196 
MSE OXT HXT  sing N N 197 
MSE CB  CG   sing N N 198 
MSE CB  HB2  sing N N 199 
MSE CB  HB3  sing N N 200 
MSE CG  SE   sing N N 201 
MSE CG  HG2  sing N N 202 
MSE CG  HG3  sing N N 203 
MSE SE  CE   sing N N 204 
MSE CE  HE1  sing N N 205 
MSE CE  HE2  sing N N 206 
MSE CE  HE3  sing N N 207 
PHE N   CA   sing N N 208 
PHE N   H    sing N N 209 
PHE N   H2   sing N N 210 
PHE CA  C    sing N N 211 
PHE CA  CB   sing N N 212 
PHE CA  HA   sing N N 213 
PHE C   O    doub N N 214 
PHE C   OXT  sing N N 215 
PHE CB  CG   sing N N 216 
PHE CB  HB2  sing N N 217 
PHE CB  HB3  sing N N 218 
PHE CG  CD1  doub Y N 219 
PHE CG  CD2  sing Y N 220 
PHE CD1 CE1  sing Y N 221 
PHE CD1 HD1  sing N N 222 
PHE CD2 CE2  doub Y N 223 
PHE CD2 HD2  sing N N 224 
PHE CE1 CZ   doub Y N 225 
PHE CE1 HE1  sing N N 226 
PHE CE2 CZ   sing Y N 227 
PHE CE2 HE2  sing N N 228 
PHE CZ  HZ   sing N N 229 
PHE OXT HXT  sing N N 230 
PRO N   CA   sing N N 231 
PRO N   CD   sing N N 232 
PRO N   H    sing N N 233 
PRO CA  C    sing N N 234 
PRO CA  CB   sing N N 235 
PRO CA  HA   sing N N 236 
PRO C   O    doub N N 237 
PRO C   OXT  sing N N 238 
PRO CB  CG   sing N N 239 
PRO CB  HB2  sing N N 240 
PRO CB  HB3  sing N N 241 
PRO CG  CD   sing N N 242 
PRO CG  HG2  sing N N 243 
PRO CG  HG3  sing N N 244 
PRO CD  HD2  sing N N 245 
PRO CD  HD3  sing N N 246 
PRO OXT HXT  sing N N 247 
SER N   CA   sing N N 248 
SER N   H    sing N N 249 
SER N   H2   sing N N 250 
SER CA  C    sing N N 251 
SER CA  CB   sing N N 252 
SER CA  HA   sing N N 253 
SER C   O    doub N N 254 
SER C   OXT  sing N N 255 
SER CB  OG   sing N N 256 
SER CB  HB2  sing N N 257 
SER CB  HB3  sing N N 258 
SER OG  HG   sing N N 259 
SER OXT HXT  sing N N 260 
THR N   CA   sing N N 261 
THR N   H    sing N N 262 
THR N   H2   sing N N 263 
THR CA  C    sing N N 264 
THR CA  CB   sing N N 265 
THR CA  HA   sing N N 266 
THR C   O    doub N N 267 
THR C   OXT  sing N N 268 
THR CB  OG1  sing N N 269 
THR CB  CG2  sing N N 270 
THR CB  HB   sing N N 271 
THR OG1 HG1  sing N N 272 
THR CG2 HG21 sing N N 273 
THR CG2 HG22 sing N N 274 
THR CG2 HG23 sing N N 275 
THR OXT HXT  sing N N 276 
VAL N   CA   sing N N 277 
VAL N   H    sing N N 278 
VAL N   H2   sing N N 279 
VAL CA  C    sing N N 280 
VAL CA  CB   sing N N 281 
VAL CA  HA   sing N N 282 
VAL C   O    doub N N 283 
VAL C   OXT  sing N N 284 
VAL CB  CG1  sing N N 285 
VAL CB  CG2  sing N N 286 
VAL CB  HB   sing N N 287 
VAL CG1 HG11 sing N N 288 
VAL CG1 HG12 sing N N 289 
VAL CG1 HG13 sing N N 290 
VAL CG2 HG21 sing N N 291 
VAL CG2 HG22 sing N N 292 
VAL CG2 HG23 sing N N 293 
VAL OXT HXT  sing N N 294 
# 
loop_
_pdbx_audit_support.funding_organization 
_pdbx_audit_support.country 
_pdbx_audit_support.grant_number 
_pdbx_audit_support.ordinal 
'National Institutes of Health/National Institute of Diabetes and Digestive and Kidney Disease (NIH/NIDDK)'               
'United States' ? 1 
'National Institutes of Health/Eunice Kennedy Shriver National Institute of Child Health & Human Development (NIH/NICHD)' 
'United States' ? 2 
# 
_pdbx_initial_refinement_model.id               1 
_pdbx_initial_refinement_model.entity_id_list   ? 
_pdbx_initial_refinement_model.type             other 
_pdbx_initial_refinement_model.source_name      ? 
_pdbx_initial_refinement_model.accession_code   ? 
_pdbx_initial_refinement_model.details          ? 
# 
_atom_sites.entry_id                    7TH0 
_atom_sites.Cartn_transf_matrix[1][1]   ? 
_atom_sites.Cartn_transf_matrix[1][2]   ? 
_atom_sites.Cartn_transf_matrix[1][3]   ? 
_atom_sites.Cartn_transf_matrix[2][1]   ? 
_atom_sites.Cartn_transf_matrix[2][2]   ? 
_atom_sites.Cartn_transf_matrix[2][3]   ? 
_atom_sites.Cartn_transf_matrix[3][1]   ? 
_atom_sites.Cartn_transf_matrix[3][2]   ? 
_atom_sites.Cartn_transf_matrix[3][3]   ? 
_atom_sites.Cartn_transf_vector[1]      ? 
_atom_sites.Cartn_transf_vector[2]      ? 
_atom_sites.Cartn_transf_vector[3]      ? 
_atom_sites.fract_transf_matrix[1][1]   0.00407261 
_atom_sites.fract_transf_matrix[1][2]   0.01072660 
_atom_sites.fract_transf_matrix[1][3]   0.02366747 
_atom_sites.fract_transf_matrix[2][1]   0.00355196 
_atom_sites.fract_transf_matrix[2][2]   -0.01551351 
_atom_sites.fract_transf_matrix[2][3]   0.00641984 
_atom_sites.fract_transf_matrix[3][1]   0.02495506 
_atom_sites.fract_transf_matrix[3][2]   0.00331494 
_atom_sites.fract_transf_matrix[3][3]   -0.00579658 
_atom_sites.fract_transf_vector[1]      0.339040 
_atom_sites.fract_transf_vector[2]      0.482559 
_atom_sites.fract_transf_vector[3]      0.266390 
_atom_sites.solution_primary            ? 
_atom_sites.solution_secondary          ? 
_atom_sites.solution_hydrogens          ? 
_atom_sites.special_details             ? 
# 
loop_
_atom_type.symbol 
C  
N  
O  
SE 
# 
loop_
_atom_site.group_PDB 
_atom_site.id 
_atom_site.type_symbol 
_atom_site.label_atom_id 
_atom_site.label_alt_id 
_atom_site.label_comp_id 
_atom_site.label_asym_id 
_atom_site.label_entity_id 
_atom_site.label_seq_id 
_atom_site.pdbx_PDB_ins_code 
_atom_site.Cartn_x 
_atom_site.Cartn_y 
_atom_site.Cartn_z 
_atom_site.occupancy 
_atom_site.B_iso_or_equiv 
_atom_site.pdbx_formal_charge 
_atom_site.auth_seq_id 
_atom_site.auth_comp_id 
_atom_site.auth_asym_id 
_atom_site.auth_atom_id 
_atom_site.pdbx_PDB_model_num 
HETATM 1   N  N   . MSE A 1 1  ? 14.504  -15.005 5.171   1.00 90.69 ? 244 MSE A N   1 
HETATM 2   C  CA  . MSE A 1 1  ? 14.066  -14.438 6.443   1.00 88.44 ? 244 MSE A CA  1 
HETATM 3   C  C   . MSE A 1 1  ? 13.297  -15.457 7.292   1.00 85.16 ? 244 MSE A C   1 
HETATM 4   O  O   . MSE A 1 1  ? 13.167  -16.621 6.913   1.00 87.33 ? 244 MSE A O   1 
HETATM 5   C  CB  . MSE A 1 1  ? 13.220  -13.184 6.203   1.00 81.62 ? 244 MSE A CB  1 
HETATM 6   C  CG  . MSE A 1 1  ? 11.924  -13.433 5.440   1.00 78.89 ? 244 MSE A CG  1 
HETATM 7   SE SE  . MSE A 1 1  ? 11.104  -11.802 4.725   1.00 88.87 ? 244 MSE A SE  1 
HETATM 8   C  CE  . MSE A 1 1  ? 12.280  -11.513 3.192   1.00 81.09 ? 244 MSE A CE  1 
ATOM   9   N  N   . THR A 1 2  ? 12.795  -15.013 8.443   1.00 76.73 ? 245 THR A N   1 
ATOM   10  C  CA  . THR A 1 2  ? 12.025  -15.858 9.345   1.00 66.66 ? 245 THR A CA  1 
ATOM   11  C  C   . THR A 1 2  ? 10.537  -15.771 9.019   1.00 69.02 ? 245 THR A C   1 
ATOM   12  O  O   . THR A 1 2  ? 10.095  -14.953 8.207   1.00 58.69 ? 245 THR A O   1 
ATOM   13  C  CB  . THR A 1 2  ? 12.260  -15.438 10.800  1.00 61.40 ? 245 THR A CB  1 
ATOM   14  O  OG1 . THR A 1 2  ? 11.770  -14.099 10.990  1.00 66.68 ? 245 THR A OG1 1 
ATOM   15  C  CG2 . THR A 1 2  ? 13.735  -15.469 11.142  1.00 65.78 ? 245 THR A CG2 1 
ATOM   16  N  N   . ILE A 1 3  ? 9.751   -16.621 9.681   1.00 63.20 ? 246 ILE A N   1 
ATOM   17  C  CA  . ILE A 1 3  ? 8.299   -16.558 9.519   1.00 58.39 ? 246 ILE A CA  1 
ATOM   18  C  C   . ILE A 1 3  ? 7.723   -15.311 10.176  1.00 58.58 ? 246 ILE A C   1 
ATOM   19  O  O   . ILE A 1 3  ? 6.766   -14.718 9.662   1.00 51.44 ? 246 ILE A O   1 
ATOM   20  C  CB  . ILE A 1 3  ? 7.643   -17.864 10.015  1.00 68.84 ? 246 ILE A CB  1 
ATOM   21  C  CG1 . ILE A 1 3  ? 7.396   -18.813 8.845   1.00 76.02 ? 246 ILE A CG1 1 
ATOM   22  C  CG2 . ILE A 1 3  ? 6.336   -17.581 10.747  1.00 71.65 ? 246 ILE A CG2 1 
ATOM   23  C  CD1 . ILE A 1 3  ? 5.956   -18.819 8.368   1.00 74.47 ? 246 ILE A CD1 1 
ATOM   24  N  N   . ALA A 1 4  ? 8.299   -14.873 11.300  1.00 56.35 ? 247 ALA A N   1 
ATOM   25  C  CA  . ALA A 1 4  ? 7.843   -13.636 11.928  1.00 59.14 ? 247 ALA A CA  1 
ATOM   26  C  C   . ALA A 1 4  ? 8.027   -12.441 10.998  1.00 49.19 ? 247 ALA A C   1 
ATOM   27  O  O   . ALA A 1 4  ? 7.106   -11.630 10.811  1.00 46.60 ? 247 ALA A O   1 
ATOM   28  C  CB  . ALA A 1 4  ? 8.574   -13.425 13.255  1.00 61.43 ? 247 ALA A CB  1 
ATOM   29  N  N   . GLU A 1 5  ? 9.205   -12.322 10.378  1.00 47.96 ? 248 GLU A N   1 
ATOM   30  C  CA  . GLU A 1 5  ? 9.435   -11.176 9.493   1.00 50.36 ? 248 GLU A CA  1 
ATOM   31  C  C   . GLU A 1 5  ? 8.598   -11.259 8.213   1.00 49.10 ? 248 GLU A C   1 
ATOM   32  O  O   . GLU A 1 5  ? 8.236   -10.225 7.628   1.00 42.26 ? 248 GLU A O   1 
ATOM   33  C  CB  . GLU A 1 5  ? 10.932  -11.057 9.207   1.00 66.97 ? 248 GLU A CB  1 
ATOM   34  C  CG  . GLU A 1 5  ? 11.757  -10.730 10.454  1.00 64.10 ? 248 GLU A CG  1 
ATOM   35  C  CD  . GLU A 1 5  ? 13.167  -11.306 10.430  1.00 77.17 ? 248 GLU A CD  1 
ATOM   36  O  OE1 . GLU A 1 5  ? 13.557  -11.917 9.413   1.00 86.31 ? 248 GLU A OE1 1 
ATOM   37  O  OE2 . GLU A 1 5  ? 13.885  -11.156 11.444  1.00 79.77 ? 248 GLU A OE2 1 
ATOM   38  N  N   . ARG A 1 6  ? 8.269   -12.469 7.765   1.00 50.85 ? 249 ARG A N   1 
ATOM   39  C  CA  . ARG A 1 6  ? 7.361   -12.612 6.633   1.00 49.08 ? 249 ARG A CA  1 
ATOM   40  C  C   . ARG A 1 6  ? 5.951   -12.180 7.010   1.00 41.48 ? 249 ARG A C   1 
ATOM   41  O  O   . ARG A 1 6  ? 5.250   -11.536 6.215   1.00 39.83 ? 249 ARG A O   1 
ATOM   42  C  CB  . ARG A 1 6  ? 7.363   -14.070 6.176   1.00 55.68 ? 249 ARG A CB  1 
ATOM   43  C  CG  . ARG A 1 6  ? 6.614   -14.314 4.880   1.00 72.19 ? 249 ARG A CG  1 
ATOM   44  C  CD  . ARG A 1 6  ? 7.448   -13.923 3.669   1.00 65.01 ? 249 ARG A CD  1 
ATOM   45  N  NE  . ARG A 1 6  ? 8.668   -14.718 3.572   1.00 78.23 ? 249 ARG A NE  1 
ATOM   46  C  CZ  . ARG A 1 6  ? 9.517   -14.649 2.552   1.00 73.83 ? 249 ARG A CZ  1 
ATOM   47  N  NH1 . ARG A 1 6  ? 9.271   -13.823 1.545   1.00 70.69 ? 249 ARG A NH1 1 
ATOM   48  N  NH2 . ARG A 1 6  ? 10.605  -15.404 2.538   1.00 69.62 ? 249 ARG A NH2 1 
ATOM   49  N  N   . LEU A 1 7  ? 5.512   -12.542 8.215   1.00 42.53 ? 250 LEU A N   1 
ATOM   50  C  CA  . LEU A 1 7  ? 4.193   -12.126 8.671   1.00 37.43 ? 250 LEU A CA  1 
ATOM   51  C  C   . LEU A 1 7  ? 4.125   -10.617 8.888   1.00 35.97 ? 250 LEU A C   1 
ATOM   52  O  O   . LEU A 1 7  ? 3.106   -9.991  8.558   1.00 34.97 ? 250 LEU A O   1 
ATOM   53  C  CB  . LEU A 1 7  ? 3.831   -12.882 9.945   1.00 39.53 ? 250 LEU A CB  1 
ATOM   54  C  CG  . LEU A 1 7  ? 3.345   -14.312 9.759   1.00 43.90 ? 250 LEU A CG  1 
ATOM   55  C  CD1 . LEU A 1 7  ? 3.506   -15.077 11.066  1.00 40.79 ? 250 LEU A CD1 1 
ATOM   56  C  CD2 . LEU A 1 7  ? 1.904   -14.309 9.321   1.00 41.89 ? 250 LEU A CD2 1 
ATOM   57  N  N   . ARG A 1 8  ? 5.192   -10.009 9.422   1.00 35.51 ? 251 ARG A N   1 
ATOM   58  C  CA  . ARG A 1 8  ? 5.196   -8.547  9.533   1.00 34.89 ? 251 ARG A CA  1 
ATOM   59  C  C   . ARG A 1 8  ? 5.120   -7.895  8.157   1.00 33.48 ? 251 ARG A C   1 
ATOM   60  O  O   . ARG A 1 8  ? 4.485   -6.837  7.989   1.00 31.95 ? 251 ARG A O   1 
ATOM   61  C  CB  . ARG A 1 8  ? 6.444   -8.061  10.270  1.00 35.13 ? 251 ARG A CB  1 
ATOM   62  C  CG  . ARG A 1 8  ? 6.496   -8.465  11.739  1.00 37.66 ? 251 ARG A CG  1 
ATOM   63  C  CD  . ARG A 1 8  ? 7.391   -7.526  12.529  1.00 45.74 ? 251 ARG A CD  1 
ATOM   64  N  NE  . ARG A 1 8  ? 7.594   -7.995  13.910  1.00 51.21 ? 251 ARG A NE  1 
ATOM   65  C  CZ  . ARG A 1 8  ? 8.577   -8.806  14.285  1.00 57.13 ? 251 ARG A CZ  1 
ATOM   66  N  NH1 . ARG A 1 8  ? 9.455   -9.244  13.389  1.00 60.16 ? 251 ARG A NH1 1 
ATOM   67  N  NH2 . ARG A 1 8  ? 8.690   -9.179  15.561  1.00 57.47 ? 251 ARG A NH2 1 
ATOM   68  N  N   . GLN A 1 9  ? 5.784   -8.489  7.167   1.00 35.73 ? 252 GLN A N   1 
ATOM   69  C  CA  . GLN A 1 9  ? 5.746   -7.913  5.827   1.00 36.04 ? 252 GLN A CA  1 
ATOM   70  C  C   . GLN A 1 9  ? 4.348   -8.007  5.233   1.00 39.01 ? 252 GLN A C   1 
ATOM   71  O  O   . GLN A 1 9  ? 3.914   -7.091  4.516   1.00 35.61 ? 252 GLN A O   1 
ATOM   72  C  CB  . GLN A 1 9  ? 6.787   -8.580  4.927   1.00 39.57 ? 252 GLN A CB  1 
ATOM   73  C  CG  . GLN A 1 9  ? 7.099   -7.755  3.679   1.00 52.69 ? 252 GLN A CG  1 
ATOM   74  C  CD  . GLN A 1 9  ? 8.190   -8.364  2.816   1.00 64.34 ? 252 GLN A CD  1 
ATOM   75  O  OE1 . GLN A 1 9  ? 8.491   -9.559  2.909   1.00 55.33 ? 252 GLN A OE1 1 
ATOM   76  N  NE2 . GLN A 1 9  ? 8.796   -7.536  1.967   1.00 56.92 ? 252 GLN A NE2 1 
ATOM   77  N  N   . GLU A 1 10 ? 3.638   -9.112  5.491   1.00 34.75 ? 253 GLU A N   1 
ATOM   78  C  CA  . GLU A 1 10 ? 2.251   -9.208  5.046   1.00 38.84 ? 253 GLU A CA  1 
ATOM   79  C  C   . GLU A 1 10 ? 1.386   -8.117  5.675   1.00 37.96 ? 253 GLU A C   1 
ATOM   80  O  O   . GLU A 1 10 ? 0.497   -7.559  5.006   1.00 30.65 ? 253 GLU A O   1 
ATOM   81  C  CB  . GLU A 1 10 ? 1.684   -10.602 5.304   1.00 37.05 ? 253 GLU A CB  1 
ATOM   82  C  CG  . GLU A 1 10 ? 2.286   -11.686 4.401   1.00 37.88 ? 253 GLU A CG  1 
ATOM   83  C  CD  . GLU A 1 10 ? 1.607   -13.034 4.553   1.00 52.13 ? 253 GLU A CD  1 
ATOM   84  O  OE1 . GLU A 1 10 ? 0.547   -13.117 5.220   1.00 53.88 ? 253 GLU A OE1 1 
ATOM   85  O  OE2 . GLU A 1 10 ? 2.150   -14.016 4.006   1.00 59.31 ? 253 GLU A OE2 1 
ATOM   86  N  N   . GLY A 1 11 ? 1.627   -7.802  6.946   1.00 30.69 ? 254 GLY A N   1 
ATOM   87  C  CA  . GLY A 1 11 ? 0.872   -6.735  7.594   1.00 37.36 ? 254 GLY A CA  1 
ATOM   88  C  C   . GLY A 1 11 ? 1.190   -5.366  7.011   1.00 33.93 ? 254 GLY A C   1 
ATOM   89  O  O   . GLY A 1 11 ? 0.295   -4.521  6.847   1.00 30.54 ? 254 GLY A O   1 
ATOM   90  N  N   . GLU A 1 12 ? 2.466   -5.123  6.689   1.00 29.13 ? 255 GLU A N   1 
ATOM   91  C  CA  . GLU A 1 12 ? 2.851   -3.851  6.084   1.00 33.19 ? 255 GLU A CA  1 
ATOM   92  C  C   . GLU A 1 12 ? 2.178   -3.675  4.738   1.00 33.35 ? 255 GLU A C   1 
ATOM   93  O  O   . GLU A 1 12 ? 1.691   -2.583  4.412   1.00 29.47 ? 255 GLU A O   1 
ATOM   94  C  CB  . GLU A 1 12 ? 4.370   -3.782  5.903   1.00 33.57 ? 255 GLU A CB  1 
ATOM   95  C  CG  . GLU A 1 12 ? 5.156   -3.768  7.207   1.00 37.64 ? 255 GLU A CG  1 
ATOM   96  C  CD  . GLU A 1 12 ? 6.661   -3.642  6.999   1.00 55.16 ? 255 GLU A CD  1 
ATOM   97  O  OE1 . GLU A 1 12 ? 7.114   -3.603  5.833   1.00 59.67 ? 255 GLU A OE1 1 
ATOM   98  O  OE2 . GLU A 1 12 ? 7.396   -3.593  8.010   1.00 48.03 ? 255 GLU A OE2 1 
ATOM   99  N  N   . GLN A 1 13 ? 2.145   -4.756  3.939   1.00 31.00 ? 256 GLN A N   1 
ATOM   100 C  CA  . GLN A 1 13 ? 1.527   -4.695  2.617   1.00 32.02 ? 256 GLN A CA  1 
ATOM   101 C  C   . GLN A 1 13 ? 0.016   -4.506  2.739   1.00 33.55 ? 256 GLN A C   1 
ATOM   102 O  O   . GLN A 1 13 ? -0.584  -3.707  1.999   1.00 34.64 ? 256 GLN A O   1 
ATOM   103 C  CB  . GLN A 1 13 ? 1.906   -5.979  1.852   1.00 34.11 ? 256 GLN A CB  1 
ATOM   104 C  CG  . GLN A 1 13 ? 1.581   -5.959  0.337   1.00 47.61 ? 256 GLN A CG  1 
ATOM   105 C  CD  . GLN A 1 13 ? 2.293   -4.855  -0.443  1.00 52.72 ? 256 GLN A CD  1 
ATOM   106 O  OE1 . GLN A 1 13 ? 3.298   -4.292  0.000   1.00 56.08 ? 256 GLN A OE1 1 
ATOM   107 N  NE2 . GLN A 1 13 ? 1.763   -4.545  -1.627  1.00 69.10 ? 256 GLN A NE2 1 
ATOM   108 N  N   . SER A 1 14 ? -0.610  -5.177  3.718   1.00 32.62 ? 257 SER A N   1 
ATOM   109 C  CA  . SER A 1 14 ? -2.047  -5.009  3.929   1.00 35.01 ? 257 SER A CA  1 
ATOM   110 C  C   . SER A 1 14 ? -2.397  -3.576  4.333   1.00 31.99 ? 257 SER A C   1 
ATOM   111 O  O   . SER A 1 14 ? -3.394  -3.011  3.866   1.00 36.66 ? 257 SER A O   1 
ATOM   112 C  CB  . SER A 1 14 ? -2.518  -5.993  4.998   1.00 42.71 ? 257 SER A CB  1 
ATOM   113 O  OG  . SER A 1 14 ? -3.777  -5.595  5.508   1.00 58.81 ? 257 SER A OG  1 
ATOM   114 N  N   . LYS A 1 15 ? -1.592  -2.973  5.196   1.00 30.03 ? 258 LYS A N   1 
ATOM   115 C  CA  . LYS A 1 15 ? -1.893  -1.626  5.669   1.00 27.89 ? 258 LYS A CA  1 
ATOM   116 C  C   . LYS A 1 15 ? -1.658  -0.603  4.561   1.00 32.63 ? 258 LYS A C   1 
ATOM   117 O  O   . LYS A 1 15 ? -2.472  0.310   4.372   1.00 31.31 ? 258 LYS A O   1 
ATOM   118 C  CB  . LYS A 1 15 ? -1.067  -1.321  6.920   1.00 29.20 ? 258 LYS A CB  1 
ATOM   119 C  CG  . LYS A 1 15 ? -1.241  0.128   7.495   1.00 34.83 ? 258 LYS A CG  1 
ATOM   120 C  CD  . LYS A 1 15 ? -2.662  0.311   7.989   1.00 36.57 ? 258 LYS A CD  1 
ATOM   121 C  CE  . LYS A 1 15 ? -2.873  1.602   8.740   1.00 44.93 ? 258 LYS A CE  1 
ATOM   122 N  NZ  . LYS A 1 15 ? -4.252  1.618   9.329   1.00 40.74 ? 258 LYS A NZ  1 
ATOM   123 N  N   . ALA A 1 16 ? -0.578  -0.770  3.792   1.00 30.16 ? 259 ALA A N   1 
ATOM   124 C  CA  . ALA A 1 16 ? -0.323  0.121   2.665   1.00 33.68 ? 259 ALA A CA  1 
ATOM   125 C  C   . ALA A 1 16 ? -1.472  0.099   1.669   1.00 36.17 ? 259 ALA A C   1 
ATOM   126 O  O   . ALA A 1 16 ? -1.895  1.153   1.163   1.00 32.80 ? 259 ALA A O   1 
ATOM   127 C  CB  . ALA A 1 16 ? 1.009   -0.223  2.001   1.00 34.61 ? 259 ALA A CB  1 
ATOM   128 N  N   . LEU A 1 17 ? -2.017  -1.095  1.382   1.00 32.30 ? 260 LEU A N   1 
ATOM   129 C  CA  . LEU A 1 17 ? -3.137  -1.150  0.453   1.00 40.96 ? 260 LEU A CA  1 
ATOM   130 C  C   . LEU A 1 17 ? -4.370  -0.453  1.012   1.00 33.14 ? 260 LEU A C   1 
ATOM   131 O  O   . LEU A 1 17 ? -5.129  0.175   0.257   1.00 37.97 ? 260 LEU A O   1 
ATOM   132 C  CB  . LEU A 1 17 ? -3.455  -2.592  0.061   1.00 35.28 ? 260 LEU A CB  1 
ATOM   133 C  CG  . LEU A 1 17 ? -2.434  -3.269  -0.844  1.00 44.55 ? 260 LEU A CG  1 
ATOM   134 C  CD1 . LEU A 1 17 ? -2.737  -4.763  -0.899  1.00 47.75 ? 260 LEU A CD1 1 
ATOM   135 C  CD2 . LEU A 1 17 ? -2.444  -2.663  -2.241  1.00 53.23 ? 260 LEU A CD2 1 
ATOM   136 N  N   . HIS A 1 18 ? -4.617  -0.599  2.311   1.00 35.34 ? 261 HIS A N   1 
ATOM   137 C  CA  . HIS A 1 18 ? -5.783  0.025   2.923   1.00 41.08 ? 261 HIS A CA  1 
ATOM   138 C  C   . HIS A 1 18 ? -5.662  1.544   2.917   1.00 36.88 ? 261 HIS A C   1 
ATOM   139 O  O   . HIS A 1 18 ? -6.619  2.242   2.567   1.00 41.09 ? 261 HIS A O   1 
ATOM   140 C  CB  . HIS A 1 18 ? -5.986  -0.471  4.357   1.00 37.17 ? 261 HIS A CB  1 
ATOM   141 C  CG  . HIS A 1 18 ? -7.155  0.177   5.032   1.00 50.39 ? 261 HIS A CG  1 
ATOM   142 N  ND1 . HIS A 1 18 ? -7.065  0.810   6.254   1.00 48.59 ? 261 HIS A ND1 1 
ATOM   143 C  CD2 . HIS A 1 18 ? -8.431  0.351   4.612   1.00 55.16 ? 261 HIS A CD2 1 
ATOM   144 C  CE1 . HIS A 1 18 ? -8.245  1.311   6.575   1.00 53.09 ? 261 HIS A CE1 1 
ATOM   145 N  NE2 . HIS A 1 18 ? -9.091  1.050   5.593   1.00 53.02 ? 261 HIS A NE2 1 
ATOM   146 N  N   . ILE A 1 19 ? -4.500  2.067   3.310   1.00 31.98 ? 262 ILE A N   1 
ATOM   147 C  CA  . ILE A 1 19 ? -4.260  3.509   3.263   1.00 37.28 ? 262 ILE A CA  1 
ATOM   148 C  C   . ILE A 1 19 ? -4.431  4.037   1.840   1.00 38.17 ? 262 ILE A C   1 
ATOM   149 O  O   . ILE A 1 19 ? -5.056  5.090   1.613   1.00 38.02 ? 262 ILE A O   1 
ATOM   150 C  CB  . ILE A 1 19 ? -2.868  3.816   3.845   1.00 32.13 ? 262 ILE A CB  1 
ATOM   151 C  CG1 . ILE A 1 19 ? -2.845  3.477   5.343   1.00 36.30 ? 262 ILE A CG1 1 
ATOM   152 C  CG2 . ILE A 1 19 ? -2.476  5.246   3.610   1.00 37.08 ? 262 ILE A CG2 1 
ATOM   153 C  CD1 . ILE A 1 19 ? -1.492  3.721   5.979   1.00 30.27 ? 262 ILE A CD1 1 
ATOM   154 N  N   . ALA A 1 20 ? -3.895  3.306   0.855   1.00 35.38 ? 263 ALA A N   1 
ATOM   155 C  CA  . ALA A 1 20 ? -4.014  3.726   -0.538  1.00 38.14 ? 263 ALA A CA  1 
ATOM   156 C  C   . ALA A 1 20 ? -5.471  3.791   -0.970  1.00 39.57 ? 263 ALA A C   1 
ATOM   157 O  O   . ALA A 1 20 ? -5.866  4.707   -1.692  1.00 42.56 ? 263 ALA A O   1 
ATOM   158 C  CB  . ALA A 1 20 ? -3.201  2.795   -1.436  1.00 38.00 ? 263 ALA A CB  1 
ATOM   159 N  N   . LYS A 1 21 ? -6.286  2.839   -0.513  1.00 48.06 ? 264 LYS A N   1 
ATOM   160 C  CA  . LYS A 1 21 ? -7.707  2.844   -0.850  1.00 48.59 ? 264 LYS A CA  1 
ATOM   161 C  C   . LYS A 1 21 ? -8.397  4.086   -0.302  1.00 50.50 ? 264 LYS A C   1 
ATOM   162 O  O   . LYS A 1 21 ? -9.218  4.704   -0.995  1.00 46.73 ? 264 LYS A O   1 
ATOM   163 C  CB  . LYS A 1 21 ? -8.371  1.577   -0.306  1.00 48.53 ? 264 LYS A CB  1 
ATOM   164 C  CG  . LYS A 1 21 ? -9.892  1.574   -0.386  1.00 63.73 ? 264 LYS A CG  1 
ATOM   165 C  CD  . LYS A 1 21 ? -10.483 0.291   0.207   1.00 67.61 ? 264 LYS A CD  1 
ATOM   166 C  CE  . LYS A 1 21 ? -11.002 -0.645  -0.881  1.00 75.92 ? 264 LYS A CE  1 
ATOM   167 N  NZ  . LYS A 1 21 ? -12.114 -0.048  -1.679  1.00 67.60 ? 264 LYS A NZ  1 
ATOM   168 N  N   . ILE A 1 22 ? -8.083  4.464   0.941   1.00 45.95 ? 265 ILE A N   1 
ATOM   169 C  CA  . ILE A 1 22 ? -8.672  5.669   1.524   1.00 48.63 ? 265 ILE A CA  1 
ATOM   170 C  C   . ILE A 1 22 ? -8.261  6.902   0.732   1.00 47.27 ? 265 ILE A C   1 
ATOM   171 O  O   . ILE A 1 22 ? -9.073  7.801   0.483   1.00 48.07 ? 265 ILE A O   1 
ATOM   172 C  CB  . ILE A 1 22 ? -8.266  5.826   2.997   1.00 43.19 ? 265 ILE A CB  1 
ATOM   173 C  CG1 . ILE A 1 22 ? -8.820  4.701   3.862   1.00 45.98 ? 265 ILE A CG1 1 
ATOM   174 C  CG2 . ILE A 1 22 ? -8.740  7.216   3.531   1.00 45.46 ? 265 ILE A CG2 1 
ATOM   175 C  CD1 . ILE A 1 22 ? -8.421  4.857   5.305   1.00 42.39 ? 265 ILE A CD1 1 
HETATM 176 N  N   . MSE A 1 23 ? -6.987  6.982   0.376   1.00 43.35 ? 266 MSE A N   1 
HETATM 177 C  CA  . MSE A 1 23 ? -6.474  8.139   -0.319  1.00 47.40 ? 266 MSE A CA  1 
HETATM 178 C  C   . MSE A 1 23 ? -7.139  8.236   -1.677  1.00 48.47 ? 266 MSE A C   1 
HETATM 179 O  O   . MSE A 1 23 ? -7.529  9.318   -2.091  1.00 51.59 ? 266 MSE A O   1 
HETATM 180 C  CB  . MSE A 1 23 ? -4.957  8.077   -0.448  1.00 43.87 ? 266 MSE A CB  1 
HETATM 181 C  CG  . MSE A 1 23 ? -4.247  8.146   0.896   1.00 45.90 ? 266 MSE A CG  1 
HETATM 182 SE SE  . MSE A 1 23 ? -2.341  7.956   0.675   1.00 47.02 ? 266 MSE A SE  1 
HETATM 183 C  CE  . MSE A 1 23 ? -1.903  9.825   0.609   1.00 50.45 ? 266 MSE A CE  1 
ATOM   184 N  N   . LEU A 1 24 ? -7.299  7.086   -2.342  1.00 47.90 ? 267 LEU A N   1 
ATOM   185 C  CA  . LEU A 1 24 ? -7.979  7.062   -3.637  1.00 51.08 ? 267 LEU A CA  1 
ATOM   186 C  C   . LEU A 1 24 ? -9.369  7.678   -3.547  1.00 57.16 ? 267 LEU A C   1 
ATOM   187 O  O   . LEU A 1 24 ? -9.770  8.468   -4.411  1.00 61.30 ? 267 LEU A O   1 
ATOM   188 C  CB  . LEU A 1 24 ? -8.079  5.625   -4.138  1.00 57.34 ? 267 LEU A CB  1 
ATOM   189 C  CG  . LEU A 1 24 ? -6.880  5.054   -4.883  1.00 58.03 ? 267 LEU A CG  1 
ATOM   190 C  CD1 . LEU A 1 24 ? -6.957  3.540   -4.906  1.00 54.46 ? 267 LEU A CD1 1 
ATOM   191 C  CD2 . LEU A 1 24 ? -6.892  5.602   -6.280  1.00 55.83 ? 267 LEU A CD2 1 
ATOM   192 N  N   . GLU A 1 25 ? -10.125 7.311   -2.512  1.00 61.17 ? 268 GLU A N   1 
ATOM   193 C  CA  . GLU A 1 25 ? -11.494 7.795   -2.374  1.00 62.13 ? 268 GLU A CA  1 
ATOM   194 C  C   . GLU A 1 25 ? -11.537 9.282   -2.051  1.00 58.75 ? 268 GLU A C   1 
ATOM   195 O  O   . GLU A 1 25 ? -12.503 9.962   -2.407  1.00 63.63 ? 268 GLU A O   1 
ATOM   196 C  CB  . GLU A 1 25 ? -12.204 6.991   -1.283  1.00 63.92 ? 268 GLU A CB  1 
ATOM   197 C  CG  . GLU A 1 25 ? -12.407 5.526   -1.632  1.00 67.41 ? 268 GLU A CG  1 
ATOM   198 C  CD  . GLU A 1 25 ? -12.934 4.700   -0.465  1.00 70.25 ? 268 GLU A CD  1 
ATOM   199 O  OE1 . GLU A 1 25 ? -12.498 4.926   0.685   1.00 73.06 ? 268 GLU A OE1 1 
ATOM   200 O  OE2 . GLU A 1 25 ? -13.787 3.816   -0.698  1.00 82.42 ? 268 GLU A OE2 1 
ATOM   201 N  N   . SER A 1 26 ? -10.512 9.797   -1.380  1.00 54.06 ? 269 SER A N   1 
ATOM   202 C  CA  . SER A 1 26 ? -10.429 11.199  -1.002  1.00 61.61 ? 269 SER A CA  1 
ATOM   203 C  C   . SER A 1 26 ? -9.840  12.074  -2.096  1.00 64.76 ? 269 SER A C   1 
ATOM   204 O  O   . SER A 1 26 ? -9.716  13.289  -1.900  1.00 67.80 ? 269 SER A O   1 
ATOM   205 C  CB  . SER A 1 26 ? -9.610  11.334  0.282   1.00 62.06 ? 269 SER A CB  1 
ATOM   206 O  OG  . SER A 1 26 ? -10.127 10.465  1.271   1.00 58.28 ? 269 SER A OG  1 
ATOM   207 N  N   . GLY A 1 27 ? -9.482  11.497  -3.240  1.00 61.11 ? 270 GLY A N   1 
ATOM   208 C  CA  . GLY A 1 27 ? -9.043  12.301  -4.363  1.00 59.16 ? 270 GLY A CA  1 
ATOM   209 C  C   . GLY A 1 27 ? -7.579  12.661  -4.362  1.00 57.11 ? 270 GLY A C   1 
ATOM   210 O  O   . GLY A 1 27 ? -7.173  13.531  -5.139  1.00 56.45 ? 270 GLY A O   1 
ATOM   211 N  N   . VAL A 1 28 ? -6.773  12.018  -3.521  1.00 57.23 ? 271 VAL A N   1 
ATOM   212 C  CA  . VAL A 1 28 ? -5.339  12.321  -3.505  1.00 57.46 ? 271 VAL A CA  1 
ATOM   213 C  C   . VAL A 1 28 ? -4.749  11.989  -4.868  1.00 54.59 ? 271 VAL A C   1 
ATOM   214 O  O   . VAL A 1 28 ? -5.074  10.926  -5.435  1.00 56.48 ? 271 VAL A O   1 
ATOM   215 C  CB  . VAL A 1 28 ? -4.630  11.519  -2.404  1.00 45.07 ? 271 VAL A CB  1 
ATOM   216 C  CG1 . VAL A 1 28 ? -3.197  11.998  -2.241  1.00 48.67 ? 271 VAL A CG1 1 
ATOM   217 C  CG2 . VAL A 1 28 ? -5.387  11.586  -1.075  1.00 54.50 ? 271 VAL A CG2 1 
ATOM   218 N  N   . PRO A 1 29 ? -3.877  12.831  -5.426  1.00 54.02 ? 272 PRO A N   1 
ATOM   219 C  CA  . PRO A 1 29 ? -3.248  12.502  -6.713  1.00 51.36 ? 272 PRO A CA  1 
ATOM   220 C  C   . PRO A 1 29 ? -2.503  11.178  -6.649  1.00 53.67 ? 272 PRO A C   1 
ATOM   221 O  O   . PRO A 1 29 ? -1.801  10.877  -5.683  1.00 56.85 ? 272 PRO A O   1 
ATOM   222 C  CB  . PRO A 1 29 ? -2.284  13.671  -6.940  1.00 64.13 ? 272 PRO A CB  1 
ATOM   223 C  CG  . PRO A 1 29 ? -2.875  14.801  -6.152  1.00 67.63 ? 272 PRO A CG  1 
ATOM   224 C  CD  . PRO A 1 29 ? -3.486  14.165  -4.941  1.00 63.66 ? 272 PRO A CD  1 
ATOM   225 N  N   . LEU A 1 30 ? -2.658  10.395  -7.717  1.00 61.85 ? 273 LEU A N   1 
ATOM   226 C  CA  . LEU A 1 30 ? -2.164  9.026   -7.718  1.00 63.85 ? 273 LEU A CA  1 
ATOM   227 C  C   . LEU A 1 30 ? -0.652  8.952   -7.564  1.00 61.08 ? 273 LEU A C   1 
ATOM   228 O  O   . LEU A 1 30 ? -0.148  8.011   -6.951  1.00 52.75 ? 273 LEU A O   1 
ATOM   229 C  CB  . LEU A 1 30 ? -2.632  8.310   -8.983  1.00 61.70 ? 273 LEU A CB  1 
ATOM   230 C  CG  . LEU A 1 30 ? -4.019  7.707   -8.781  1.00 48.45 ? 273 LEU A CG  1 
ATOM   231 C  CD1 . LEU A 1 30 ? -4.595  7.228   -10.079 1.00 69.89 ? 273 LEU A CD1 1 
ATOM   232 C  CD2 . LEU A 1 30 ? -3.888  6.569   -7.785  1.00 71.40 ? 273 LEU A CD2 1 
ATOM   233 N  N   . ALA A 1 31 ? 0.085   9.922   -8.112  1.00 57.23 ? 274 ALA A N   1 
ATOM   234 C  CA  . ALA A 1 31 ? 1.534   9.922   -7.928  1.00 59.24 ? 274 ALA A CA  1 
ATOM   235 C  C   . ALA A 1 31 ? 1.912   10.126  -6.471  1.00 61.12 ? 274 ALA A C   1 
ATOM   236 O  O   . ALA A 1 31 ? 2.959   9.633   -6.029  1.00 55.37 ? 274 ALA A O   1 
ATOM   237 C  CB  . ALA A 1 31 ? 2.192   10.993  -8.794  1.00 62.06 ? 274 ALA A CB  1 
ATOM   238 N  N   . ASP A 1 32 ? 1.079   10.841  -5.712  1.00 57.58 ? 275 ASP A N   1 
ATOM   239 C  CA  . ASP A 1 32 ? 1.356   11.055  -4.297  1.00 53.45 ? 275 ASP A CA  1 
ATOM   240 C  C   . ASP A 1 32 ? 1.052   9.808   -3.471  1.00 48.42 ? 275 ASP A C   1 
ATOM   241 O  O   . ASP A 1 32 ? 1.822   9.451   -2.571  1.00 47.03 ? 275 ASP A O   1 
ATOM   242 C  CB  . ASP A 1 32 ? 0.552   12.245  -3.783  1.00 50.75 ? 275 ASP A CB  1 
ATOM   243 C  CG  . ASP A 1 32 ? 1.077   13.570  -4.300  1.00 63.14 ? 275 ASP A CG  1 
ATOM   244 O  OD1 . ASP A 1 32 ? 2.062   13.566  -5.069  1.00 63.50 ? 275 ASP A OD1 1 
ATOM   245 O  OD2 . ASP A 1 32 ? 0.492   14.608  -3.937  1.00 70.92 ? 275 ASP A OD2 1 
ATOM   246 N  N   . ILE A 1 33 ? -0.074  9.150   -3.755  1.00 51.77 ? 276 ILE A N   1 
ATOM   247 C  CA  . ILE A 1 33 ? -0.394  7.875   -3.117  1.00 47.48 ? 276 ILE A CA  1 
ATOM   248 C  C   . ILE A 1 33 ? 0.763   6.895   -3.265  1.00 49.72 ? 276 ILE A C   1 
ATOM   249 O  O   . ILE A 1 33 ? 1.122   6.183   -2.318  1.00 49.84 ? 276 ILE A O   1 
ATOM   250 C  CB  . ILE A 1 33 ? -1.699  7.317   -3.712  1.00 37.95 ? 276 ILE A CB  1 
ATOM   251 C  CG1 . ILE A 1 33 ? -2.857  8.272   -3.403  1.00 50.98 ? 276 ILE A CG1 1 
ATOM   252 C  CG2 . ILE A 1 33 ? -1.956  5.882   -3.232  1.00 47.16 ? 276 ILE A CG2 1 
ATOM   253 C  CD1 . ILE A 1 33 ? -4.180  7.814   -3.947  1.00 39.45 ? 276 ILE A CD1 1 
HETATM 254 N  N   . MSE A 1 34 ? 1.371   6.851   -4.446  1.00 52.25 ? 277 MSE A N   1 
HETATM 255 C  CA  . MSE A 1 34 ? 2.454   5.916   -4.709  1.00 47.52 ? 277 MSE A CA  1 
HETATM 256 C  C   . MSE A 1 34 ? 3.703   6.299   -3.927  1.00 53.94 ? 277 MSE A C   1 
HETATM 257 O  O   . MSE A 1 34 ? 4.404   5.432   -3.409  1.00 53.35 ? 277 MSE A O   1 
HETATM 258 C  CB  . MSE A 1 34 ? 2.727   5.783   -6.216  1.00 55.09 ? 277 MSE A CB  1 
HETATM 259 C  CG  . MSE A 1 34 ? 1.659   4.960   -6.945  1.00 58.50 ? 277 MSE A CG  1 
HETATM 260 SE SE  . MSE A 1 34 ? 1.968   4.643   -8.864  1.00 75.91 ? 277 MSE A SE  1 
HETATM 261 C  CE  . MSE A 1 34 ? 3.752   3.863   -8.733  1.00 64.06 ? 277 MSE A CE  1 
ATOM   262 N  N   . ARG A 1 35 ? 3.955   7.607   -3.819  1.00 54.61 ? 278 ARG A N   1 
ATOM   263 C  CA  . ARG A 1 35 ? 5.080   8.081   -3.018  1.00 59.51 ? 278 ARG A CA  1 
ATOM   264 C  C   . ARG A 1 35 ? 4.871   7.801   -1.531  1.00 51.04 ? 278 ARG A C   1 
ATOM   265 O  O   . ARG A 1 35 ? 5.799   7.363   -0.844  1.00 60.06 ? 278 ARG A O   1 
ATOM   266 C  CB  . ARG A 1 35 ? 5.327   9.569   -3.278  1.00 55.44 ? 278 ARG A CB  1 
ATOM   267 C  CG  . ARG A 1 35 ? 6.175   10.264  -2.218  1.00 57.12 ? 278 ARG A CG  1 
ATOM   268 C  CD  . ARG A 1 35 ? 6.671   11.623  -2.698  1.00 77.42 ? 278 ARG A CD  1 
ATOM   269 N  NE  . ARG A 1 35 ? 5.590   12.560  -3.010  1.00 75.07 ? 278 ARG A NE  1 
ATOM   270 C  CZ  . ARG A 1 35 ? 5.172   13.526  -2.192  1.00 78.32 ? 278 ARG A CZ  1 
ATOM   271 N  NH1 . ARG A 1 35 ? 5.741   13.683  -1.002  1.00 70.91 ? 278 ARG A NH1 1 
ATOM   272 N  NH2 . ARG A 1 35 ? 4.189   14.339  -2.564  1.00 73.76 ? 278 ARG A NH2 1 
ATOM   273 N  N   . PHE A 1 36 ? 3.664   8.039   -1.009  1.00 48.57 ? 279 PHE A N   1 
ATOM   274 C  CA  . PHE A 1 36 ? 3.443   7.872   0.428   1.00 48.19 ? 279 PHE A CA  1 
ATOM   275 C  C   . PHE A 1 36 ? 3.386   6.407   0.845   1.00 48.84 ? 279 PHE A C   1 
ATOM   276 O  O   . PHE A 1 36 ? 3.879   6.052   1.924   1.00 42.56 ? 279 PHE A O   1 
ATOM   277 C  CB  . PHE A 1 36 ? 2.167   8.591   0.861   1.00 43.89 ? 279 PHE A CB  1 
ATOM   278 C  CG  . PHE A 1 36 ? 2.257   10.094  0.735   1.00 44.56 ? 279 PHE A CG  1 
ATOM   279 C  CD1 . PHE A 1 36 ? 1.159   10.838  0.361   1.00 55.55 ? 279 PHE A CD1 1 
ATOM   280 C  CD2 . PHE A 1 36 ? 3.450   10.746  0.970   1.00 54.06 ? 279 PHE A CD2 1 
ATOM   281 C  CE1 . PHE A 1 36 ? 1.237   12.214  0.245   1.00 53.31 ? 279 PHE A CE1 1 
ATOM   282 C  CE2 . PHE A 1 36 ? 3.537   12.125  0.840   1.00 55.00 ? 279 PHE A CE2 1 
ATOM   283 C  CZ  . PHE A 1 36 ? 2.427   12.852  0.480   1.00 53.42 ? 279 PHE A CZ  1 
ATOM   284 N  N   . THR A 1 37 ? 2.780   5.551   0.021   1.00 44.98 ? 280 THR A N   1 
ATOM   285 C  CA  . THR A 1 37 ? 2.551   4.153   0.369   1.00 49.72 ? 280 THR A CA  1 
ATOM   286 C  C   . THR A 1 37 ? 3.591   3.205   -0.213  1.00 55.25 ? 280 THR A C   1 
ATOM   287 O  O   . THR A 1 37 ? 3.674   2.059   0.238   1.00 51.48 ? 280 THR A O   1 
ATOM   288 C  CB  . THR A 1 37 ? 1.175   3.688   -0.129  1.00 41.39 ? 280 THR A CB  1 
ATOM   289 O  OG1 . THR A 1 37 ? 1.157   3.724   -1.557  1.00 39.40 ? 280 THR A OG1 1 
ATOM   290 C  CG2 . THR A 1 37 ? 0.043   4.568   0.408   1.00 37.08 ? 280 THR A CG2 1 
ATOM   291 N  N   . GLY A 1 38 ? 4.360   3.635   -1.212  1.00 46.07 ? 281 GLY A N   1 
ATOM   292 C  CA  . GLY A 1 38 ? 5.344   2.766   -1.830  1.00 56.13 ? 281 GLY A CA  1 
ATOM   293 C  C   . GLY A 1 38 ? 4.789   1.728   -2.781  1.00 55.81 ? 281 GLY A C   1 
ATOM   294 O  O   . GLY A 1 38 ? 5.521   0.827   -3.194  1.00 62.09 ? 281 GLY A O   1 
ATOM   295 N  N   . LEU A 1 39 ? 3.518   1.834   -3.153  1.00 54.08 ? 282 LEU A N   1 
ATOM   296 C  CA  . LEU A 1 39 ? 2.855   0.826   -3.968  1.00 55.17 ? 282 LEU A CA  1 
ATOM   297 C  C   . LEU A 1 39 ? 3.084   1.081   -5.456  1.00 55.75 ? 282 LEU A C   1 
ATOM   298 O  O   . LEU A 1 39 ? 3.235   2.225   -5.891  1.00 55.70 ? 282 LEU A O   1 
ATOM   299 C  CB  . LEU A 1 39 ? 1.356   0.847   -3.671  1.00 53.97 ? 282 LEU A CB  1 
ATOM   300 C  CG  . LEU A 1 39 ? 1.021   0.364   -2.259  1.00 55.07 ? 282 LEU A CG  1 
ATOM   301 C  CD1 . LEU A 1 39 ? -0.459  0.517   -1.956  1.00 47.24 ? 282 LEU A CD1 1 
ATOM   302 C  CD2 . LEU A 1 39 ? 1.466   -1.081  -2.105  1.00 55.02 ? 282 LEU A CD2 1 
ATOM   303 N  N   . SER A 1 40 ? 3.107   -0.010  -6.231  1.00 61.41 ? 283 SER A N   1 
ATOM   304 C  CA  . SER A 1 40 ? 3.193   0.038   -7.686  1.00 67.86 ? 283 SER A CA  1 
ATOM   305 C  C   . SER A 1 40 ? 1.827   0.346   -8.297  1.00 64.80 ? 283 SER A C   1 
ATOM   306 O  O   . SER A 1 40 ? 0.781   0.171   -7.666  1.00 59.76 ? 283 SER A O   1 
ATOM   307 C  CB  . SER A 1 40 ? 3.685   -1.305  -8.230  1.00 71.97 ? 283 SER A CB  1 
ATOM   308 O  OG  . SER A 1 40 ? 4.989   -1.588  -7.762  1.00 80.09 ? 283 SER A OG  1 
ATOM   309 N  N   . GLU A 1 41 ? 1.839   0.794   -9.554  1.00 70.94 ? 284 GLU A N   1 
ATOM   310 C  CA  . GLU A 1 41 ? 0.565   1.117   -10.193 1.00 71.05 ? 284 GLU A CA  1 
ATOM   311 C  C   . GLU A 1 41 ? -0.323  -0.113  -10.337 1.00 70.13 ? 284 GLU A C   1 
ATOM   312 O  O   . GLU A 1 41 ? -1.549  -0.006  -10.232 1.00 71.25 ? 284 GLU A O   1 
ATOM   313 C  CB  . GLU A 1 41 ? 0.747   1.876   -11.520 1.00 80.60 ? 284 GLU A CB  1 
ATOM   314 C  CG  . GLU A 1 41 ? 1.638   1.237   -12.572 1.00 83.68 ? 284 GLU A CG  1 
ATOM   315 C  CD  . GLU A 1 41 ? 1.574   1.985   -13.903 1.00 89.50 ? 284 GLU A CD  1 
ATOM   316 O  OE1 . GLU A 1 41 ? 0.981   1.448   -14.865 1.00 93.98 ? 284 GLU A OE1 1 
ATOM   317 O  OE2 . GLU A 1 41 ? 2.095   3.122   -13.983 1.00 89.91 ? 284 GLU A OE2 1 
ATOM   318 N  N   . GLU A 1 42 ? 0.266   -1.290  -10.534 1.00 74.37 ? 285 GLU A N   1 
ATOM   319 C  CA  . GLU A 1 42 ? -0.559  -2.484  -10.650 1.00 75.55 ? 285 GLU A CA  1 
ATOM   320 C  C   . GLU A 1 42 ? -1.097  -2.925  -9.293  1.00 69.66 ? 285 GLU A C   1 
ATOM   321 O  O   . GLU A 1 42 ? -2.156  -3.561  -9.222  1.00 68.12 ? 285 GLU A O   1 
ATOM   322 C  CB  . GLU A 1 42 ? 0.214   -3.599  -11.351 1.00 82.99 ? 285 GLU A CB  1 
ATOM   323 C  CG  . GLU A 1 42 ? 1.516   -3.967  -10.685 1.00 83.37 ? 285 GLU A CG  1 
ATOM   324 C  CD  . GLU A 1 42 ? 2.181   -5.158  -11.350 1.00 91.09 ? 285 GLU A CD  1 
ATOM   325 O  OE1 . GLU A 1 42 ? 2.648   -5.019  -12.497 1.00 97.81 ? 285 GLU A OE1 1 
ATOM   326 O  OE2 . GLU A 1 42 ? 2.220   -6.242  -10.729 1.00 91.81 ? 285 GLU A OE2 1 
ATOM   327 N  N   . GLU A 1 43 ? -0.392  -2.591  -8.210  1.00 68.71 ? 286 GLU A N   1 
ATOM   328 C  CA  . GLU A 1 43 ? -0.944  -2.829  -6.883  1.00 66.97 ? 286 GLU A CA  1 
ATOM   329 C  C   . GLU A 1 43 ? -2.120  -1.902  -6.603  1.00 71.60 ? 286 GLU A C   1 
ATOM   330 O  O   . GLU A 1 43 ? -3.098  -2.311  -5.967  1.00 73.95 ? 286 GLU A O   1 
ATOM   331 C  CB  . GLU A 1 43 ? 0.154   -2.704  -5.826  1.00 65.51 ? 286 GLU A CB  1 
ATOM   332 C  CG  . GLU A 1 43 ? 1.030   -3.959  -5.728  1.00 59.65 ? 286 GLU A CG  1 
ATOM   333 C  CD  . GLU A 1 43 ? 2.328   -3.749  -4.966  1.00 69.38 ? 286 GLU A CD  1 
ATOM   334 O  OE1 . GLU A 1 43 ? 2.791   -2.599  -4.859  1.00 65.50 ? 286 GLU A OE1 1 
ATOM   335 O  OE2 . GLU A 1 43 ? 2.898   -4.748  -4.474  1.00 72.41 ? 286 GLU A OE2 1 
ATOM   336 N  N   . LEU A 1 44 ? -2.060  -0.666  -7.101  1.00 67.75 ? 287 LEU A N   1 
ATOM   337 C  CA  . LEU A 1 44 ? -3.191  0.242   -6.940  1.00 66.00 ? 287 LEU A CA  1 
ATOM   338 C  C   . LEU A 1 44 ? -4.386  -0.201  -7.772  1.00 71.93 ? 287 LEU A C   1 
ATOM   339 O  O   . LEU A 1 44 ? -5.531  -0.079  -7.320  1.00 76.77 ? 287 LEU A O   1 
ATOM   340 C  CB  . LEU A 1 44 ? -2.774  1.657   -7.311  1.00 60.97 ? 287 LEU A CB  1 
ATOM   341 C  CG  . LEU A 1 44 ? -1.758  2.311   -6.381  1.00 66.35 ? 287 LEU A CG  1 
ATOM   342 C  CD1 . LEU A 1 44 ? -1.689  3.801   -6.666  1.00 67.08 ? 287 LEU A CD1 1 
ATOM   343 C  CD2 . LEU A 1 44 ? -2.137  2.048   -4.939  1.00 67.49 ? 287 LEU A CD2 1 
ATOM   344 N  N   . ALA A 1 45 ? -4.139  -0.710  -8.983  1.00 63.94 ? 288 ALA A N   1 
ATOM   345 C  CA  . ALA A 1 45 ? -5.210  -1.210  -9.842  1.00 70.19 ? 288 ALA A CA  1 
ATOM   346 C  C   . ALA A 1 45 ? -5.894  -2.439  -9.254  1.00 87.68 ? 288 ALA A C   1 
ATOM   347 O  O   . ALA A 1 45 ? -7.082  -2.666  -9.511  1.00 85.50 ? 288 ALA A O   1 
ATOM   348 C  CB  . ALA A 1 45 ? -4.650  -1.533  -11.226 1.00 78.28 ? 288 ALA A CB  1 
ATOM   349 N  N   . ALA A 1 46 ? -5.167  -3.248  -8.486  1.00 89.87 ? 289 ALA A N   1 
ATOM   350 C  CA  . ALA A 1 46 ? -5.737  -4.444  -7.876  1.00 82.46 ? 289 ALA A CA  1 
ATOM   351 C  C   . ALA A 1 46 ? -5.730  -4.328  -6.353  1.00 77.31 ? 289 ALA A C   1 
ATOM   352 O  O   . ALA A 1 46 ? -6.271  -3.376  -5.793  1.00 72.91 ? 289 ALA A O   1 
ATOM   353 C  CB  . ALA A 1 46 ? -4.969  -5.688  -8.319  1.00 85.69 ? 289 ALA A CB  1 
HETATM 354 O  O   . HOH B 2 .  ? -14.503 1.729   0.066   1.00 65.35 ? 301 HOH A O   1 
HETATM 355 O  O   . HOH B 2 .  ? -4.920  -3.912  7.287   1.00 54.81 ? 302 HOH A O   1 
HETATM 356 O  O   . HOH B 2 .  ? -5.764  -4.119  2.964   1.00 43.09 ? 303 HOH A O   1 
HETATM 357 O  O   . HOH B 2 .  ? -0.657  -8.770  2.723   1.00 44.40 ? 304 HOH A O   1 
HETATM 358 O  O   . HOH B 2 .  ? 3.694   -4.917  -8.585  1.00 60.82 ? 305 HOH A O   1 
HETATM 359 O  O   . HOH B 2 .  ? 7.305   -2.170  3.128   1.00 58.60 ? 306 HOH A O   1 
HETATM 360 O  O   . HOH B 2 .  ? -2.966  -7.475  1.347   1.00 49.99 ? 307 HOH A O   1 
HETATM 361 O  O   . HOH B 2 .  ? 18.961  -17.398 3.381   1.00 71.92 ? 308 HOH A O   1 
# 
loop_
_atom_site_anisotrop.id 
_atom_site_anisotrop.type_symbol 
_atom_site_anisotrop.pdbx_label_atom_id 
_atom_site_anisotrop.pdbx_label_alt_id 
_atom_site_anisotrop.pdbx_label_comp_id 
_atom_site_anisotrop.pdbx_label_asym_id 
_atom_site_anisotrop.pdbx_label_seq_id 
_atom_site_anisotrop.pdbx_PDB_ins_code 
_atom_site_anisotrop.U[1][1] 
_atom_site_anisotrop.U[2][2] 
_atom_site_anisotrop.U[3][3] 
_atom_site_anisotrop.U[1][2] 
_atom_site_anisotrop.U[1][3] 
_atom_site_anisotrop.U[2][3] 
_atom_site_anisotrop.pdbx_auth_seq_id 
_atom_site_anisotrop.pdbx_auth_comp_id 
_atom_site_anisotrop.pdbx_auth_asym_id 
_atom_site_anisotrop.pdbx_auth_atom_id 
1   N  N   . MSE A 1  ? 0.9566 1.0749 1.4141 0.3965  0.1396  0.0681  244 MSE A N   
2   C  CA  . MSE A 1  ? 0.9244 1.0559 1.3800 0.3478  0.0877  0.0953  244 MSE A CA  
3   C  C   . MSE A 1  ? 0.9217 0.9722 1.3419 0.3403  0.0482  0.0944  244 MSE A C   
4   O  O   . MSE A 1  ? 0.9775 0.9604 1.3802 0.3744  0.0586  0.0753  244 MSE A O   
5   C  CB  . MSE A 1  ? 0.8580 0.9967 1.2466 0.3011  0.0871  0.0836  244 MSE A CB  
6   C  CG  . MSE A 1  ? 0.8841 0.9426 1.1711 0.2935  0.0967  0.0435  244 MSE A CG  
7   SE SE  . MSE A 1  ? 1.0252 1.1051 1.2463 0.2508  0.1077  0.0306  244 MSE A SE  
8   C  CE  . MSE A 1  ? 0.9003 1.0327 1.1481 0.2869  0.1692  0.0228  244 MSE A CE  
9   N  N   . THR A 2  ? 0.8186 0.8726 1.2242 0.2932  0.0045  0.1146  245 THR A N   
10  C  CA  . THR A 2  ? 0.7273 0.7112 1.0944 0.2754  -0.0345 0.1174  245 THR A CA  
11  C  C   . THR A 2  ? 0.8120 0.7322 1.0782 0.2457  -0.0342 0.0828  245 THR A C   
12  O  O   . THR A 2  ? 0.6890 0.6229 0.9180 0.2360  -0.0097 0.0611  245 THR A O   
13  C  CB  . THR A 2  ? 0.6375 0.6594 1.0360 0.2354  -0.0805 0.1573  245 THR A CB  
14  O  OG1 . THR A 2  ? 0.7040 0.7607 1.0689 0.1893  -0.0819 0.1539  245 THR A OG1 
15  C  CG2 . THR A 2  ? 0.6334 0.7282 1.1378 0.2601  -0.0867 0.1969  245 THR A CG2 
16  N  N   . ILE A 3  ? 0.7751 0.6272 0.9989 0.2289  -0.0642 0.0808  246 ILE A N   
17  C  CA  . ILE A 3  ? 0.7602 0.5614 0.8971 0.1955  -0.0687 0.0529  246 ILE A CA  
18  C  C   . ILE A 3  ? 0.7529 0.5983 0.8746 0.1467  -0.0824 0.0599  246 ILE A C   
19  O  O   . ILE A 3  ? 0.6810 0.5201 0.7533 0.1280  -0.0712 0.0365  246 ILE A O   
20  C  CB  . ILE A 3  ? 0.9344 0.6507 1.0306 0.1890  -0.0952 0.0497  246 ILE A CB  
21  C  CG1 . ILE A 3  ? 1.0628 0.7079 1.1176 0.2226  -0.0702 0.0165  246 ILE A CG1 
22  C  CG2 . ILE A 3  ? 0.9953 0.6941 1.0329 0.1335  -0.1203 0.0453  246 ILE A CG2 
23  C  CD1 . ILE A 3  ? 1.0880 0.6860 1.0556 0.1908  -0.0706 -0.0143 246 ILE A CD1 
24  N  N   . ALA A 4  ? 0.6961 0.5853 0.8598 0.1253  -0.1068 0.0923  247 ALA A N   
25  C  CA  . ALA A 4  ? 0.7247 0.6509 0.8717 0.0801  -0.1153 0.0962  247 ALA A CA  
26  C  C   . ALA A 4  ? 0.5806 0.5531 0.7354 0.0871  -0.0841 0.0847  247 ALA A C   
27  O  O   . ALA A 4  ? 0.5625 0.5326 0.6757 0.0636  -0.0773 0.0668  247 ALA A O   
28  C  CB  . ALA A 4  ? 0.7292 0.6899 0.9149 0.0547  -0.1470 0.1336  247 ALA A CB  
29  N  N   . GLU A 5  ? 0.5322 0.5478 0.7423 0.1200  -0.0642 0.0957  248 GLU A N   
30  C  CA  . GLU A 5  ? 0.5466 0.6059 0.7610 0.1224  -0.0353 0.0882  248 GLU A CA  
31  C  C   . GLU A 5  ? 0.5622 0.5832 0.7203 0.1368  -0.0086 0.0535  248 GLU A C   
32  O  O   . GLU A 5  ? 0.4777 0.5157 0.6125 0.1240  0.0056  0.0442  248 GLU A O   
33  C  CB  . GLU A 5  ? 0.7102 0.8329 1.0015 0.1497  -0.0199 0.1113  248 GLU A CB  
34  C  CG  . GLU A 5  ? 0.6390 0.8105 0.9858 0.1261  -0.0510 0.1501  248 GLU A CG  
35  C  CD  . GLU A 5  ? 0.7583 0.9796 1.1943 0.1616  -0.0479 0.1779  248 GLU A CD  
36  O  OE1 . GLU A 5  ? 0.8676 1.0869 1.3249 0.2082  -0.0151 0.1642  248 GLU A OE1 
37  O  OE2 . GLU A 5  ? 0.7605 1.0238 1.2464 0.1426  -0.0786 0.2140  248 GLU A OE2 
38  N  N   . ARG A 6  ? 0.6118 0.5767 0.7436 0.1606  -0.0041 0.0355  249 ARG A N   
39  C  CA  . ARG A 6  ? 0.6254 0.5470 0.6925 0.1656  0.0143  0.0031  249 ARG A CA  
40  C  C   . ARG A 6  ? 0.5535 0.4530 0.5695 0.1267  -0.0062 -0.0073 249 ARG A C   
41  O  O   . ARG A 6  ? 0.5453 0.4440 0.5240 0.1181  0.0048  -0.0229 249 ARG A O   
42  C  CB  . ARG A 6  ? 0.7371 0.5949 0.7835 0.1961  0.0211  -0.0138 249 ARG A CB  
43  C  CG  . ARG A 6  ? 0.9855 0.7961 0.9613 0.2021  0.0421  -0.0473 249 ARG A CG  
44  C  CD  . ARG A 6  ? 0.8817 0.7221 0.8663 0.2301  0.0837  -0.0557 249 ARG A CD  
45  N  NE  . ARG A 6  ? 1.0304 0.8748 1.0671 0.2735  0.1051  -0.0512 249 ARG A NE  
46  C  CZ  . ARG A 6  ? 0.9626 0.8299 1.0128 0.3045  0.1477  -0.0606 249 ARG A CZ  
47  N  NH1 . ARG A 6  ? 0.9319 0.8154 0.9387 0.2921  0.1701  -0.0733 249 ARG A NH1 
48  N  NH2 . ARG A 6  ? 0.8874 0.7621 0.9956 0.3474  0.1683  -0.0561 249 ARG A NH2 
49  N  N   . LEU A 7  ? 0.5725 0.4558 0.5877 0.1023  -0.0357 0.0025  250 LEU A N   
50  C  CA  . LEU A 7  ? 0.5250 0.3961 0.5007 0.0654  -0.0512 -0.0071 250 LEU A CA  
51  C  C   . LEU A 7  ? 0.4857 0.4058 0.4751 0.0448  -0.0470 -0.0004 250 LEU A C   
52  O  O   . LEU A 7  ? 0.4834 0.4013 0.4440 0.0302  -0.0442 -0.0146 250 LEU A O   
53  C  CB  . LEU A 7  ? 0.5628 0.4068 0.5323 0.0415  -0.0803 0.0028  250 LEU A CB  
54  C  CG  . LEU A 7  ? 0.6520 0.4299 0.5863 0.0487  -0.0898 -0.0091 250 LEU A CG  
55  C  CD1 . LEU A 7  ? 0.6168 0.3735 0.5595 0.0309  -0.1192 0.0117  250 LEU A CD1 
56  C  CD2 . LEU A 7  ? 0.6525 0.4056 0.5334 0.0271  -0.0909 -0.0325 250 LEU A CD2 
57  N  N   . ARG A 8  ? 0.4505 0.4136 0.4850 0.0433  -0.0474 0.0220  251 ARG A N   
58  C  CA  . ARG A 8  ? 0.4279 0.4280 0.4697 0.0239  -0.0417 0.0270  251 ARG A CA  
59  C  C   . ARG A 8  ? 0.4111 0.4205 0.4407 0.0410  -0.0173 0.0156  251 ARG A C   
60  O  O   . ARG A 8  ? 0.3949 0.4104 0.4085 0.0256  -0.0145 0.0101  251 ARG A O   
61  C  CB  . ARG A 8  ? 0.4005 0.4441 0.4903 0.0158  -0.0483 0.0547  251 ARG A CB  
62  C  CG  . ARG A 8  ? 0.4333 0.4698 0.5277 -0.0115 -0.0771 0.0702  251 ARG A CG  
63  C  CD  . ARG A 8  ? 0.5117 0.5903 0.6361 -0.0362 -0.0869 0.0947  251 ARG A CD  
64  N  NE  . ARG A 8  ? 0.5823 0.6548 0.7085 -0.0643 -0.1175 0.1138  251 ARG A NE  
65  C  CZ  . ARG A 8  ? 0.6383 0.7261 0.8064 -0.0529 -0.1356 0.1407  251 ARG A CZ  
66  N  NH1 . ARG A 8  ? 0.6521 0.7645 0.8692 -0.0105 -0.1211 0.1485  251 ARG A NH1 
67  N  NH2 . ARG A 8  ? 0.6476 0.7265 0.8095 -0.0840 -0.1677 0.1608  251 ARG A NH2 
68  N  N   . GLN A 9  ? 0.4376 0.4465 0.4735 0.0726  0.0012  0.0125  252 GLN A N   
69  C  CA  . GLN A 9  ? 0.4467 0.4618 0.4610 0.0846  0.0248  0.0027  252 GLN A CA  
70  C  C   . GLN A 9  ? 0.5160 0.4918 0.4747 0.0768  0.0199  -0.0190 252 GLN A C   
71  O  O   . GLN A 9  ? 0.4771 0.4602 0.4157 0.0704  0.0261  -0.0217 252 GLN A O   
72  C  CB  . GLN A 9  ? 0.4838 0.5065 0.5134 0.1190  0.0508  0.0015  252 GLN A CB  
73  C  CG  . GLN A 9  ? 0.6474 0.6923 0.6622 0.1250  0.0780  -0.0007 252 GLN A CG  
74  C  CD  . GLN A 9  ? 0.7846 0.8438 0.8164 0.1583  0.1111  -0.0036 252 GLN A CD  
75  O  OE1 . GLN A 9  ? 0.6746 0.7103 0.7174 0.1832  0.1155  -0.0116 252 GLN A OE1 
76  N  NE2 . GLN A 9  ? 0.6775 0.7736 0.7118 0.1590  0.1364  0.0028  252 GLN A NE2 
77  N  N   . GLU A 10 ? 0.4839 0.4181 0.4180 0.0759  0.0065  -0.0322 253 GLU A N   
78  C  CA  . GLU A 10 ? 0.5613 0.4656 0.4487 0.0625  -0.0031 -0.0496 253 GLU A CA  
79  C  C   . GLU A 10 ? 0.5401 0.4661 0.4360 0.0365  -0.0158 -0.0452 253 GLU A C   
80  O  O   . GLU A 10 ? 0.4549 0.3803 0.3294 0.0306  -0.0174 -0.0519 253 GLU A O   
81  C  CB  . GLU A 10 ? 0.5639 0.4196 0.4242 0.0605  -0.0169 -0.0621 253 GLU A CB  
82  C  CG  . GLU A 10 ? 0.5950 0.4124 0.4318 0.0887  -0.0011 -0.0743 253 GLU A CG  
83  C  CD  . GLU A 10 ? 0.8084 0.5650 0.6074 0.0832  -0.0166 -0.0883 253 GLU A CD  
84  O  OE1 . GLU A 10 ? 0.8370 0.5861 0.6241 0.0543  -0.0395 -0.0890 253 GLU A OE1 
85  O  OE2 . GLU A 10 ? 0.9193 0.6339 0.7005 0.1075  -0.0039 -0.0994 253 GLU A OE2 
86  N  N   . GLY A 11 ? 0.4320 0.3757 0.3584 0.0210  -0.0247 -0.0338 254 GLY A N   
87  C  CA  . GLY A 11 ? 0.5087 0.4684 0.4423 -0.0017 -0.0307 -0.0332 254 GLY A CA  
88  C  C   . GLY A 11 ? 0.4540 0.4369 0.3981 0.0021  -0.0187 -0.0257 254 GLY A C   
89  O  O   . GLY A 11 ? 0.4121 0.3968 0.3516 -0.0055 -0.0203 -0.0303 254 GLY A O   
90  N  N   . GLU A 12 ? 0.3810 0.3829 0.3428 0.0136  -0.0068 -0.0122 255 GLU A N   
91  C  CA  . GLU A 12 ? 0.4242 0.4453 0.3915 0.0135  0.0043  -0.0024 255 GLU A CA  
92  C  C   . GLU A 12 ? 0.4413 0.4493 0.3764 0.0241  0.0093  -0.0102 255 GLU A C   
93  O  O   . GLU A 12 ? 0.3932 0.4026 0.3238 0.0175  0.0076  -0.0061 255 GLU A O   
94  C  CB  . GLU A 12 ? 0.4102 0.4607 0.4044 0.0224  0.0176  0.0145  255 GLU A CB  
95  C  CG  . GLU A 12 ? 0.4434 0.5138 0.4729 0.0075  0.0078  0.0293  255 GLU A CG  
96  C  CD  . GLU A 12 ? 0.6390 0.7505 0.7064 0.0153  0.0192  0.0500  255 GLU A CD  
97  O  OE1 . GLU A 12 ? 0.6926 0.8171 0.7577 0.0338  0.0397  0.0506  255 GLU A OE1 
98  O  OE2 . GLU A 12 ? 0.5306 0.6643 0.6301 0.0006  0.0076  0.0669  255 GLU A OE2 
99  N  N   . GLN A 13 ? 0.4262 0.4167 0.3352 0.0394  0.0141  -0.0208 256 GLN A N   
100 C  CA  . GLN A 13 ? 0.4581 0.4326 0.3257 0.0445  0.0161  -0.0280 256 GLN A CA  
101 C  C   . GLN A 13 ? 0.4854 0.4476 0.3417 0.0315  -0.0047 -0.0350 256 GLN A C   
102 O  O   . GLN A 13 ? 0.5033 0.4666 0.3461 0.0283  -0.0103 -0.0299 256 GLN A O   
103 C  CB  . GLN A 13 ? 0.5030 0.4539 0.3391 0.0611  0.0281  -0.0413 256 GLN A CB  
104 C  CG  . GLN A 13 ? 0.6987 0.6307 0.4793 0.0639  0.0353  -0.0483 256 GLN A CG  
105 C  CD  . GLN A 13 ? 0.7560 0.7126 0.5345 0.0644  0.0520  -0.0331 256 GLN A CD  
106 O  OE1 . GLN A 13 ? 0.7744 0.7630 0.5933 0.0669  0.0647  -0.0189 256 GLN A OE1 
107 N  NE2 . GLN A 13 ? 0.9855 0.9266 0.7135 0.0577  0.0497  -0.0337 256 GLN A NE2 
108 N  N   . SER A 14 ? 0.4727 0.4273 0.3394 0.0224  -0.0172 -0.0440 257 SER A N   
109 C  CA  . SER A 14 ? 0.5031 0.4571 0.3702 0.0094  -0.0342 -0.0501 257 SER A CA  
110 C  C   . SER A 14 ? 0.4476 0.4221 0.3457 0.0041  -0.0346 -0.0412 257 SER A C   
111 O  O   . SER A 14 ? 0.5043 0.4837 0.4050 0.0032  -0.0444 -0.0397 257 SER A O   
112 C  CB  . SER A 14 ? 0.6017 0.5467 0.4742 -0.0031 -0.0435 -0.0599 257 SER A CB  
113 O  OG  . SER A 14 ? 0.7954 0.7544 0.6847 -0.0177 -0.0540 -0.0638 257 SER A OG  
114 N  N   . LYS A 15 ? 0.4114 0.3957 0.3338 0.0001  -0.0253 -0.0345 258 LYS A N   
115 C  CA  . LYS A 15 ? 0.3739 0.3660 0.3200 -0.0060 -0.0236 -0.0296 258 LYS A CA  
116 C  C   . LYS A 15 ? 0.4366 0.4276 0.3755 0.0031  -0.0212 -0.0159 258 LYS A C   
117 O  O   . LYS A 15 ? 0.4168 0.4056 0.3671 0.0048  -0.0271 -0.0126 258 LYS A O   
118 C  CB  . LYS A 15 ? 0.3834 0.3794 0.3465 -0.0193 -0.0165 -0.0268 258 LYS A CB  
119 C  CG  . LYS A 15 ? 0.4506 0.4428 0.4299 -0.0284 -0.0114 -0.0247 258 LYS A CG  
120 C  CD  . LYS A 15 ? 0.4690 0.4593 0.4611 -0.0310 -0.0134 -0.0395 258 LYS A CD  
121 C  CE  . LYS A 15 ? 0.5740 0.5524 0.5807 -0.0385 -0.0038 -0.0436 258 LYS A CE  
122 N  NZ  . LYS A 15 ? 0.5129 0.4966 0.5388 -0.0392 0.0000  -0.0610 258 LYS A NZ  
123 N  N   . ALA A 16 ? 0.4107 0.4036 0.3317 0.0095  -0.0119 -0.0068 259 ALA A N   
124 C  CA  . ALA A 16 ? 0.4613 0.4521 0.3664 0.0134  -0.0092 0.0081  259 ALA A CA  
125 C  C   . ALA A 16 ? 0.5036 0.4843 0.3864 0.0179  -0.0245 0.0077  259 ALA A C   
126 O  O   . ALA A 16 ? 0.4622 0.4377 0.3465 0.0180  -0.0330 0.0211  259 ALA A O   
127 C  CB  . ALA A 16 ? 0.4752 0.4757 0.3642 0.0183  0.0081  0.0153  259 ALA A CB  
128 N  N   . LEU A 17 ? 0.4634 0.4387 0.3251 0.0195  -0.0315 -0.0056 260 LEU A N   
129 C  CA  . LEU A 17 ? 0.5826 0.5514 0.4222 0.0182  -0.0509 -0.0038 260 LEU A CA  
130 C  C   . LEU A 17 ? 0.4658 0.4463 0.3472 0.0170  -0.0671 -0.0012 260 LEU A C   
131 O  O   . LEU A 17 ? 0.5266 0.5083 0.4079 0.0187  -0.0844 0.0120  260 LEU A O   
132 C  CB  . LEU A 17 ? 0.5275 0.4826 0.3305 0.0153  -0.0562 -0.0196 260 LEU A CB  
133 C  CG  . LEU A 17 ? 0.6674 0.6044 0.4210 0.0204  -0.0389 -0.0243 260 LEU A CG  
134 C  CD1 . LEU A 17 ? 0.7267 0.6393 0.4484 0.0181  -0.0422 -0.0445 260 LEU A CD1 
135 C  CD2 . LEU A 17 ? 0.7944 0.7237 0.5043 0.0167  -0.0422 -0.0111 260 LEU A CD2 
136 N  N   . HIS A 18 ? 0.4787 0.4686 0.3956 0.0138  -0.0619 -0.0130 261 HIS A N   
137 C  CA  . HIS A 18 ? 0.5318 0.5362 0.4928 0.0145  -0.0698 -0.0147 261 HIS A CA  
138 C  C   . HIS A 18 ? 0.4729 0.4709 0.4575 0.0229  -0.0662 -0.0010 261 HIS A C   
139 O  O   . HIS A 18 ? 0.5155 0.5194 0.5262 0.0316  -0.0795 0.0080  261 HIS A O   
140 C  CB  . HIS A 18 ? 0.4714 0.4847 0.4562 0.0052  -0.0600 -0.0322 261 HIS A CB  
141 C  CG  . HIS A 18 ? 0.6170 0.6485 0.6488 0.0068  -0.0602 -0.0373 261 HIS A CG  
142 N  ND1 . HIS A 18 ? 0.5868 0.6161 0.6433 0.0029  -0.0423 -0.0472 261 HIS A ND1 
143 C  CD2 . HIS A 18 ? 0.6604 0.7137 0.7217 0.0127  -0.0749 -0.0335 261 HIS A CD2 
144 C  CE1 . HIS A 18 ? 0.6233 0.6712 0.7226 0.0090  -0.0413 -0.0524 261 HIS A CE1 
145 N  NE2 . HIS A 18 ? 0.6127 0.6798 0.7219 0.0164  -0.0620 -0.0424 261 HIS A NE2 
146 N  N   . ILE A 19 ? 0.4173 0.4023 0.3955 0.0199  -0.0501 0.0021  262 ILE A N   
147 C  CA  . ILE A 19 ? 0.4858 0.4541 0.4768 0.0238  -0.0471 0.0156  262 ILE A CA  
148 C  C   . ILE A 19 ? 0.5063 0.4662 0.4778 0.0306  -0.0629 0.0379  262 ILE A C   
149 O  O   . ILE A 19 ? 0.5008 0.4494 0.4945 0.0397  -0.0734 0.0506  262 ILE A O   
150 C  CB  . ILE A 19 ? 0.4272 0.3860 0.4075 0.0122  -0.0299 0.0173  262 ILE A CB  
151 C  CG1 . ILE A 19 ? 0.4730 0.4355 0.4708 0.0014  -0.0192 -0.0017 262 ILE A CG1 
152 C  CG2 . ILE A 19 ? 0.4977 0.4324 0.4789 0.0111  -0.0285 0.0340  262 ILE A CG2 
153 C  CD1 . ILE A 19 ? 0.4010 0.3588 0.3903 -0.0144 -0.0079 0.0029  262 ILE A CD1 
154 N  N   . ALA A 20 ? 0.4847 0.4471 0.4125 0.0263  -0.0650 0.0432  263 ALA A N   
155 C  CA  . ALA A 20 ? 0.5337 0.4862 0.4293 0.0266  -0.0802 0.0648  263 ALA A CA  
156 C  C   . ALA A 20 ? 0.5433 0.5031 0.4572 0.0332  -0.1079 0.0714  263 ALA A C   
157 O  O   . ALA A 20 ? 0.5842 0.5332 0.4995 0.0370  -0.1261 0.0946  263 ALA A O   
158 C  CB  . ALA A 20 ? 0.5505 0.5032 0.3902 0.0193  -0.0714 0.0627  263 ALA A CB  
159 N  N   . LYS A 21 ? 0.6382 0.6181 0.5696 0.0331  -0.1135 0.0540  264 LYS A N   
160 C  CA  . LYS A 21 ? 0.6295 0.6278 0.5888 0.0371  -0.1408 0.0616  264 LYS A CA  
161 C  C   . LYS A 21 ? 0.6306 0.6332 0.6550 0.0538  -0.1441 0.0705  264 LYS A C   
162 O  O   . LYS A 21 ? 0.5741 0.5818 0.6198 0.0623  -0.1698 0.0926  264 LYS A O   
163 C  CB  . LYS A 21 ? 0.6183 0.6392 0.5864 0.0294  -0.1424 0.0402  264 LYS A CB  
164 C  CG  . LYS A 21 ? 0.7845 0.8381 0.7990 0.0316  -0.1680 0.0468  264 LYS A CG  
165 C  CD  . LYS A 21 ? 0.8248 0.9001 0.8441 0.0178  -0.1682 0.0261  264 LYS A CD  
166 C  CE  . LYS A 21 ? 0.9447 1.0214 0.9186 0.0000  -0.1967 0.0322  264 LYS A CE  
167 N  NZ  . LYS A 21 ? 0.8201 0.9234 0.8248 0.0020  -0.2315 0.0582  264 LYS A NZ  
168 N  N   . ILE A 22 ? 0.5643 0.5618 0.6197 0.0584  -0.1191 0.0539  265 ILE A N   
169 C  CA  . ILE A 22 ? 0.5813 0.5726 0.6937 0.0757  -0.1155 0.0571  265 ILE A CA  
170 C  C   . ILE A 22 ? 0.5800 0.5363 0.6799 0.0827  -0.1260 0.0843  265 ILE A C   
171 O  O   . ILE A 22 ? 0.5778 0.5292 0.7195 0.1008  -0.1415 0.1006  265 ILE A O   
172 C  CB  . ILE A 22 ? 0.5098 0.4921 0.6390 0.0727  -0.0842 0.0315  265 ILE A CB  
173 C  CG1 . ILE A 22 ? 0.5289 0.5445 0.6736 0.0641  -0.0752 0.0072  265 ILE A CG1 
174 C  CG2 . ILE A 22 ? 0.5300 0.4903 0.7072 0.0914  -0.0755 0.0322  265 ILE A CG2 
175 C  CD1 . ILE A 22 ? 0.4849 0.4891 0.6366 0.0559  -0.0463 -0.0162 265 ILE A CD1 
176 N  N   . MSE A 23 ? 0.5562 0.4882 0.6025 0.0686  -0.1167 0.0906  266 MSE A N   
177 C  CA  . MSE A 23 ? 0.6259 0.5220 0.6530 0.0686  -0.1245 0.1171  266 MSE A CA  
178 C  C   . MSE A 23 ? 0.6431 0.5425 0.6560 0.0714  -0.1584 0.1460  266 MSE A C   
179 O  O   . MSE A 23 ? 0.6843 0.5601 0.7157 0.0822  -0.1765 0.1708  266 MSE A O   
180 C  CB  . MSE A 23 ? 0.6034 0.4852 0.5783 0.0488  -0.1059 0.1186  266 MSE A CB  
181 C  CG  . MSE A 23 ? 0.6262 0.5024 0.6152 0.0421  -0.0786 0.0965  266 MSE A CG  
182 SE SE  . MSE A 23 ? 0.6575 0.5337 0.5954 0.0171  -0.0588 0.1034  266 MSE A SE  
183 C  CE  . MSE A 23 ? 0.7192 0.5427 0.6548 0.0096  -0.0616 0.1282  266 MSE A CE  
184 N  N   . LEU A 24 ? 0.6390 0.5637 0.6172 0.0602  -0.1687 0.1430  267 LEU A N   
185 C  CA  . LEU A 24 ? 0.6856 0.6143 0.6410 0.0563  -0.2045 0.1700  267 LEU A CA  
186 C  C   . LEU A 24 ? 0.7335 0.6774 0.7609 0.0771  -0.2318 0.1852  267 LEU A C   
187 O  O   . LEU A 24 ? 0.7903 0.7201 0.8188 0.0812  -0.2623 0.2193  267 LEU A O   
188 C  CB  . LEU A 24 ? 0.7730 0.7234 0.6825 0.0398  -0.2091 0.1564  267 LEU A CB  
189 C  CG  . LEU A 24 ? 0.8153 0.7482 0.6414 0.0202  -0.1929 0.1530  267 LEU A CG  
190 C  CD1 . LEU A 24 ? 0.7761 0.7229 0.5703 0.0104  -0.1869 0.1272  267 LEU A CD1 
191 C  CD2 . LEU A 24 ? 0.8117 0.7246 0.5849 0.0073  -0.2181 0.1860  267 LEU A CD2 
192 N  N   . GLU A 25 ? 0.7528 0.7284 0.8431 0.0902  -0.2214 0.1619  268 GLU A N   
193 C  CA  . GLU A 25 ? 0.7289 0.7315 0.9001 0.1127  -0.2427 0.1739  268 GLU A CA  
194 C  C   . GLU A 25 ? 0.6821 0.6502 0.8998 0.1378  -0.2384 0.1872  268 GLU A C   
195 O  O   . GLU A 25 ? 0.7219 0.6989 0.9968 0.1591  -0.2652 0.2120  268 GLU A O   
196 C  CB  . GLU A 25 ? 0.7193 0.7669 0.9424 0.1166  -0.2251 0.1427  268 GLU A CB  
197 C  CG  . GLU A 25 ? 0.7660 0.8446 0.9504 0.0925  -0.2360 0.1328  268 GLU A CG  
198 C  CD  . GLU A 25 ? 0.7761 0.8921 1.0009 0.0902  -0.2152 0.1016  268 GLU A CD  
199 O  OE1 . GLU A 25 ? 0.8101 0.9145 1.0513 0.0962  -0.1804 0.0778  268 GLU A OE1 
200 O  OE2 . GLU A 25 ? 0.9135 1.0693 1.1489 0.0781  -0.2349 0.1018  268 GLU A OE2 
201 N  N   . SER A 26 ? 0.7177 0.5658 0.7707 0.0812  -0.1398 0.1625  269 SER A N   
202 C  CA  . SER A 26 ? 0.8225 0.6359 0.8825 0.0820  -0.1495 0.1731  269 SER A CA  
203 C  C   . SER A 26 ? 0.8790 0.6664 0.9154 0.0687  -0.1616 0.2045  269 SER A C   
204 O  O   . SER A 26 ? 0.9291 0.6800 0.9669 0.0660  -0.1738 0.2168  269 SER A O   
205 C  CB  . SER A 26 ? 0.8232 0.6345 0.9003 0.0792  -0.1390 0.1533  269 SER A CB  
206 O  OG  . SER A 26 ? 0.7610 0.5987 0.8547 0.0873  -0.1274 0.1268  269 SER A OG  
207 N  N   . GLY A 27 ? 0.8352 0.6399 0.8466 0.0590  -0.1600 0.2187  270 GLY A N   
208 C  CA  . GLY A 27 ? 0.8260 0.6116 0.8103 0.0430  -0.1716 0.2525  270 GLY A CA  
209 C  C   . GLY A 27 ? 0.8051 0.5866 0.7783 0.0201  -0.1658 0.2649  270 GLY A C   
210 O  O   . GLY A 27 ? 0.8098 0.5725 0.7626 0.0007  -0.1765 0.2961  270 GLY A O   
211 N  N   . VAL A 28 ? 0.7965 0.5965 0.7814 0.0199  -0.1496 0.2429  271 VAL A N   
212 C  CA  . VAL A 28 ? 0.8026 0.6042 0.7765 -0.0029 -0.1427 0.2553  271 VAL A CA  
213 C  C   . VAL A 28 ? 0.7692 0.6009 0.7040 -0.0203 -0.1403 0.2806  271 VAL A C   
214 O  O   . VAL A 28 ? 0.7877 0.6516 0.7068 -0.0079 -0.1362 0.2710  271 VAL A O   
215 C  CB  . VAL A 28 ? 0.6337 0.4547 0.6239 0.0041  -0.1246 0.2247  271 VAL A CB  
216 C  CG1 . VAL A 28 ? 0.6817 0.5017 0.6659 -0.0209 -0.1190 0.2386  271 VAL A CG1 
217 C  CG2 . VAL A 28 ? 0.7456 0.5531 0.7719 0.0238  -0.1245 0.1946  271 VAL A CG2 
218 N  N   . PRO A 29 ? 0.7659 0.5973 0.6892 -0.0554 -0.1493 0.3165  272 PRO A N   
219 C  CA  . PRO A 29 ? 0.7257 0.6082 0.6175 -0.0809 -0.1498 0.3456  272 PRO A CA  
220 C  C   . PRO A 29 ? 0.7372 0.6822 0.6199 -0.0779 -0.1329 0.3278  272 PRO A C   
221 O  O   . PRO A 29 ? 0.7686 0.7227 0.6688 -0.0786 -0.1224 0.3112  272 PRO A O   
222 C  CB  . PRO A 29 ? 0.8903 0.7679 0.7786 -0.1230 -0.1584 0.3821  272 PRO A CB  
223 C  CG  . PRO A 29 ? 0.9527 0.7552 0.8619 -0.1130 -0.1720 0.3768  272 PRO A CG  
224 C  CD  . PRO A 29 ? 0.8985 0.6863 0.8338 -0.0736 -0.1599 0.3314  272 PRO A CD  
225 N  N   . LEU A 30 ? 0.8366 0.8251 0.6882 -0.0718 -0.1312 0.3293  273 LEU A N   
226 C  CA  . LEU A 30 ? 0.8490 0.8928 0.6842 -0.0576 -0.1178 0.3018  273 LEU A CA  
227 C  C   . LEU A 30 ? 0.7943 0.9016 0.6248 -0.0836 -0.1022 0.3076  273 LEU A C   
228 O  O   . LEU A 30 ? 0.6784 0.8164 0.5093 -0.0687 -0.0894 0.2758  273 LEU A O   
229 C  CB  . LEU A 30 ? 0.8247 0.8961 0.6233 -0.0436 -0.1218 0.2982  273 LEU A CB  
230 C  CG  . LEU A 30 ? 0.6705 0.6959 0.4746 -0.0075 -0.1312 0.2699  273 LEU A CG  
231 C  CD1 . LEU A 30 ? 0.9498 0.9874 0.7184 0.0039  -0.1403 0.2709  273 LEU A CD1 
232 C  CD2 . LEU A 30 ? 0.9574 0.9845 0.7711 0.0152  -0.1237 0.2266  273 LEU A CD2 
233 N  N   . ALA A 31 ? 0.7390 0.8703 0.5650 -0.1220 -0.1031 0.3446  274 ALA A N   
234 C  CA  . ALA A 31 ? 0.7413 0.9419 0.5677 -0.1487 -0.0869 0.3478  274 ALA A CA  
235 C  C   . ALA A 31 ? 0.7660 0.9319 0.6244 -0.1502 -0.0826 0.3339  274 ALA A C   
236 O  O   . ALA A 31 ? 0.6733 0.8979 0.5327 -0.1555 -0.0647 0.3163  274 ALA A O   
237 C  CB  . ALA A 31 ? 0.7696 1.0005 0.5879 -0.1928 -0.0924 0.3918  274 ALA A CB  
238 N  N   . ASP A 32 ? 0.7425 0.8168 0.6283 -0.1414 -0.0978 0.3355  275 ASP A N   
239 C  CA  . ASP A 32 ? 0.6931 0.7263 0.6116 -0.1370 -0.0947 0.3178  275 ASP A CA  
240 C  C   . ASP A 32 ? 0.6254 0.6626 0.5519 -0.0991 -0.0836 0.2773  275 ASP A C   
241 O  O   . ASP A 32 ? 0.5976 0.6533 0.5361 -0.0996 -0.0702 0.2606  275 ASP A O   
242 C  CB  . ASP A 32 ? 0.6812 0.6226 0.6246 -0.1311 -0.1135 0.3218  275 ASP A CB  
243 C  CG  . ASP A 32 ? 0.8447 0.7729 0.7816 -0.1709 -0.1275 0.3597  275 ASP A CG  
244 O  OD1 . ASP A 32 ? 0.8335 0.8286 0.7507 -0.2060 -0.1215 0.3848  275 ASP A OD1 
245 O  OD2 . ASP A 32 ? 0.9626 0.8198 0.9121 -0.1653 -0.1445 0.3617  275 ASP A OD2 
246 N  N   . ILE A 33 ? 0.6760 0.6955 0.5956 -0.0666 -0.0899 0.2597  276 ILE A N   
247 C  CA  . ILE A 33 ? 0.6187 0.6450 0.5404 -0.0311 -0.0834 0.2190  276 ILE A CA  
248 C  C   . ILE A 33 ? 0.6286 0.7382 0.5223 -0.0333 -0.0662 0.2020  276 ILE A C   
249 O  O   . ILE A 33 ? 0.6234 0.7446 0.5257 -0.0149 -0.0569 0.1700  276 ILE A O   
250 C  CB  . ILE A 33 ? 0.5090 0.5147 0.4183 -0.0038 -0.0930 0.2034  276 ILE A CB  
251 C  CG1 . ILE A 33 ? 0.6863 0.6289 0.6218 0.0041  -0.1012 0.2066  276 ILE A CG1 
252 C  CG2 . ILE A 33 ? 0.6251 0.6388 0.5280 0.0282  -0.0898 0.1574  276 ILE A CG2 
253 C  CD1 . ILE A 33 ? 0.5472 0.4800 0.4718 0.0276  -0.1065 0.1936  276 ILE A CD1 
254 N  N   . MSE A 34 ? 0.6499 0.8230 0.5123 -0.0510 -0.0597 0.2142  277 MSE A N   
255 C  CA  . MSE A 34 ? 0.5692 0.8246 0.4117 -0.0449 -0.0402 0.1814  277 MSE A CA  
256 C  C   . MSE A 34 ? 0.6319 0.9266 0.4911 -0.0665 -0.0229 0.1797  277 MSE A C   
257 O  O   . MSE A 34 ? 0.6112 0.9416 0.4742 -0.0470 -0.0078 0.1344  277 MSE A O   
258 C  CB  . MSE A 34 ? 0.6561 0.9667 0.4704 -0.0526 -0.0391 0.1919  277 MSE A CB  
259 C  CG  . MSE A 34 ? 0.7175 0.9954 0.5097 -0.0233 -0.0528 0.1749  277 MSE A CG  
260 SE SE  . MSE A 34 ? 0.9288 1.2731 0.6824 -0.0254 -0.0525 0.1842  277 MSE A SE  
261 C  CE  . MSE A 34 ? 0.7430 1.1850 0.5061 -0.0201 -0.0275 0.1473  277 MSE A CE  
262 N  N   . ARG A 35 ? 0.6423 0.9152 0.5173 -0.1057 -0.0282 0.2241  278 ARG A N   
263 C  CA  . ARG A 35 ? 0.6909 0.9847 0.5854 -0.1305 -0.0149 0.2233  278 ARG A CA  
264 C  C   . ARG A 35 ? 0.5921 0.8364 0.5106 -0.1104 -0.0084 0.1982  278 ARG A C   
265 O  O   . ARG A 35 ? 0.6895 0.9769 0.6155 -0.1057 0.0122  0.1625  278 ARG A O   
266 C  CB  . ARG A 35 ? 0.6457 0.9070 0.5539 -0.1757 -0.0288 0.2720  278 ARG A CB  
267 C  CG  . ARG A 35 ? 0.6648 0.9041 0.6014 -0.1984 -0.0237 0.2714  278 ARG A CG  
268 C  CD  . ARG A 35 ? 0.9251 1.1516 0.8650 -0.2426 -0.0399 0.3132  278 ARG A CD  
269 N  NE  . ARG A 35 ? 0.9237 1.0607 0.8677 -0.2442 -0.0673 0.3418  278 ARG A NE  
270 C  CZ  . ARG A 35 ? 0.9890 1.0286 0.9583 -0.2415 -0.0852 0.3432  278 ARG A CZ  
271 N  NH1 . ARG A 35 ? 0.8954 0.9094 0.8895 -0.2396 -0.0784 0.3216  278 ARG A NH1 
272 N  NH2 . ARG A 35 ? 0.9544 0.9259 0.9224 -0.2359 -0.1089 0.3602  278 ARG A NH2 
273 N  N   . PHE A 36 ? 0.5850 0.7364 0.5240 -0.0924 -0.0277 0.2096  279 PHE A N   
274 C  CA  . PHE A 36 ? 0.5850 0.6752 0.5707 -0.0629 -0.0241 0.1673  279 PHE A CA  
275 C  C   . PHE A 36 ? 0.5845 0.7086 0.5626 -0.0189 -0.0111 0.1060  279 PHE A C   
276 O  O   . PHE A 36 ? 0.4980 0.6187 0.5005 -0.0032 0.0040  0.0639  279 PHE A O   
277 C  CB  . PHE A 36 ? 0.5548 0.5392 0.5737 -0.0482 -0.0507 0.1867  279 PHE A CB  
278 C  CG  . PHE A 36 ? 0.5747 0.5148 0.6035 -0.0763 -0.0623 0.2089  279 PHE A CG  
279 C  CD1 . PHE A 36 ? 0.7298 0.6232 0.7576 -0.0654 -0.0790 0.2132  279 PHE A CD1 
280 C  CD2 . PHE A 36 ? 0.6883 0.6439 0.7218 -0.1116 -0.0553 0.2213  279 PHE A CD2 
281 C  CE1 . PHE A 36 ? 0.7133 0.5694 0.7428 -0.0858 -0.0922 0.2335  279 PHE A CE1 
282 C  CE2 . PHE A 36 ? 0.7132 0.6269 0.7496 -0.1328 -0.0715 0.2412  279 PHE A CE2 
283 C  CZ  . PHE A 36 ? 0.7115 0.5738 0.7448 -0.1189 -0.0910 0.2486  279 PHE A CZ  
284 N  N   . THR A 37 ? 0.5387 0.6893 0.4810 0.0013  -0.0202 0.1005  280 THR A N   
285 C  CA  . THR A 37 ? 0.5982 0.7626 0.5282 0.0424  -0.0181 0.0464  280 THR A CA  
286 C  C   . THR A 37 ? 0.6527 0.8772 0.5692 0.0424  -0.0021 0.0125  280 THR A C   
287 O  O   . THR A 37 ? 0.6021 0.8057 0.5480 0.0625  -0.0036 -0.0224 280 THR A O   
288 C  CB  . THR A 37 ? 0.5090 0.6279 0.4360 0.0588  -0.0401 0.0504  280 THR A CB  
289 O  OG1 . THR A 37 ? 0.4862 0.6314 0.3794 0.0412  -0.0444 0.0720  280 THR A OG1 
290 C  CG2 . THR A 37 ? 0.4671 0.5043 0.4374 0.0592  -0.0577 0.0753  280 THR A CG2 
291 N  N   . GLY A 38 ? 0.3819 0.7044 0.6643 0.1017  0.1886  0.1481  281 GLY A N   
292 C  CA  . GLY A 38 ? 0.5195 0.8690 0.7444 0.1531  0.2308  0.1326  281 GLY A CA  
293 C  C   . GLY A 38 ? 0.5776 0.8540 0.6890 0.2157  0.2553  0.1341  281 GLY A C   
294 O  O   . GLY A 38 ? 0.6835 0.9517 0.7238 0.2656  0.2778  0.1093  281 GLY A O   
295 N  N   . LEU A 39 ? 0.6153 0.7709 0.6684 0.1824  0.2021  0.1407  282 LEU A N   
296 C  CA  . LEU A 39 ? 0.7237 0.7391 0.6334 0.2105  0.1730  0.1191  282 LEU A CA  
297 C  C   . LEU A 39 ? 0.7848 0.7658 0.5677 0.2127  0.2002  0.1274  282 LEU A C   
298 O  O   . LEU A 39 ? 0.7605 0.7911 0.5649 0.1712  0.2202  0.1600  282 LEU A O   
299 C  CB  . LEU A 39 ? 0.7415 0.6532 0.6559 0.1703  0.0997  0.1243  282 LEU A CB  
300 C  CG  . LEU A 39 ? 0.7175 0.6421 0.7328 0.1765  0.0716  0.1140  282 LEU A CG  
301 C  CD1 . LEU A 39 ? 0.6399 0.4804 0.6749 0.1324  0.0046  0.1254  282 LEU A CD1 
302 C  CD2 . LEU A 39 ? 0.7486 0.6343 0.7077 0.2426  0.0816  0.0791  282 LEU A CD2 
303 N  N   . SER A 40 ? 0.9332 0.8224 0.5776 0.2630  0.2006  0.0975  283 SER A N   
304 C  CA  . SER A 40 ? 1.0835 0.9157 0.5793 0.2732  0.2192  0.0991  283 SER A CA  
305 C  C   . SER A 40 ? 1.1093 0.8194 0.5332 0.2268  0.1533  0.1103  283 SER A C   
306 O  O   . SER A 40 ? 1.0508 0.7005 0.5194 0.1996  0.0910  0.1070  283 SER A O   
307 C  CB  . SER A 40 ? 1.1994 0.9681 0.5671 0.3490  0.2397  0.0570  283 SER A CB  
308 O  OG  . SER A 40 ? 1.2420 1.1298 0.6713 0.3985  0.3035  0.0486  283 SER A OG  
309 N  N   . GLU A 41 ? 1.2359 0.9133 0.5461 0.2197  0.1677  0.1251  284 GLU A N   
310 C  CA  . GLU A 41 ? 1.2980 0.8653 0.5362 0.1781  0.1030  0.1374  284 GLU A CA  
311 C  C   . GLU A 41 ? 1.3644 0.7909 0.5092 0.1990  0.0399  0.0972  284 GLU A C   
312 O  O   . GLU A 41 ? 1.3994 0.7532 0.5547 0.1584  -0.0299 0.1038  284 GLU A O   
313 C  CB  . GLU A 41 ? 1.4584 1.0173 0.5869 0.1672  0.1296  0.1648  284 GLU A CB  
314 C  CG  . GLU A 41 ? 1.5522 1.0958 0.5314 0.2270  0.1837  0.1433  284 GLU A CG  
315 C  CD  . GLU A 41 ? 1.6760 1.1916 0.5329 0.2117  0.1983  0.1738  284 GLU A CD  
316 O  OE1 . GLU A 41 ? 1.8246 1.2210 0.5254 0.2281  0.1608  0.1528  284 GLU A OE1 
317 O  OE2 . GLU A 41 ? 1.6280 1.2395 0.5488 0.1807  0.2441  0.2190  284 GLU A OE2 
318 N  N   . GLU A 42 ? 1.4595 0.8469 0.5194 0.2613  0.0623  0.0560  285 GLU A N   
319 C  CA  . GLU A 42 ? 1.5518 0.7956 0.5231 0.2780  0.0009  0.0163  285 GLU A CA  
320 C  C   . GLU A 42 ? 1.4340 0.6778 0.5349 0.2629  -0.0380 0.0104  285 GLU A C   
321 O  O   . GLU A 42 ? 1.4613 0.5943 0.5328 0.2460  -0.1056 -0.0059 285 GLU A O   
322 C  CB  . GLU A 42 ? 1.7141 0.8994 0.5397 0.3520  0.0361  -0.0274 285 GLU A CB  
323 C  CG  . GLU A 42 ? 1.6613 0.9517 0.5549 0.4069  0.1072  -0.0378 285 GLU A CG  
324 C  CD  . GLU A 42 ? 1.8288 1.0505 0.5816 0.4845  0.1359  -0.0828 285 GLU A CD  
325 O  OE1 . GLU A 42 ? 1.9367 1.1684 0.6111 0.4973  0.1652  -0.0789 285 GLU A OE1 
326 O  OE2 . GLU A 42 ? 1.8392 1.0237 0.6256 0.5130  0.1176  -0.1081 285 GLU A OE2 
327 N  N   . GLU A 43 ? 1.3324 0.7010 0.5771 0.2672  0.0029  0.0245  286 GLU A N   
328 C  CA  . GLU A 43 ? 1.2642 0.6433 0.6369 0.2484  -0.0324 0.0264  286 GLU A CA  
329 C  C   . GLU A 43 ? 1.2979 0.6742 0.7486 0.1780  -0.0858 0.0598  286 GLU A C   
330 O  O   . GLU A 43 ? 1.3309 0.6519 0.8270 0.1563  -0.1405 0.0570  286 GLU A O   
331 C  CB  . GLU A 43 ? 1.1592 0.6743 0.6556 0.2748  0.0235  0.0310  286 GLU A CB  
332 C  CG  . GLU A 43 ? 1.1090 0.6072 0.5502 0.3503  0.0572  -0.0064 286 GLU A CG  
333 C  CD  . GLU A 43 ? 1.1468 0.7970 0.6923 0.3837  0.1215  -0.0007 286 GLU A CD  
334 O  OE1 . GLU A 43 ? 1.0296 0.7996 0.6596 0.3524  0.1531  0.0291  286 GLU A OE1 
335 O  OE2 . GLU A 43 ? 1.1866 0.8353 0.7296 0.4420  0.1388  -0.0260 286 GLU A OE2 
336 N  N   . LEU A 44 ? 1.2260 0.6580 0.6903 0.1433  -0.0701 0.0930  287 LEU A N   
337 C  CA  . LEU A 44 ? 1.1860 0.6084 0.7132 0.0822  -0.1206 0.1253  287 LEU A CA  
338 C  C   . LEU A 44 ? 1.3325 0.6371 0.7633 0.0632  -0.1860 0.1117  287 LEU A C   
339 O  O   . LEU A 44 ? 1.3405 0.6957 0.8806 0.0190  -0.2206 0.1009  287 LEU A O   
340 C  CB  . LEU A 44 ? 1.0841 0.5889 0.6436 0.0525  -0.0848 0.1638  287 LEU A CB  
341 C  CG  . LEU A 44 ? 1.0620 0.7052 0.7541 0.0525  -0.0281 0.1777  287 LEU A CG  
342 C  CD1 . LEU A 44 ? 1.0372 0.7383 0.7732 0.0071  -0.0108 0.2203  287 LEU A CD1 
343 C  CD2 . LEU A 44 ? 1.0238 0.6957 0.8448 0.0465  -0.0529 0.1713  287 LEU A CD2 
344 N  N   . ALA A 45 ? 1.3185 0.5328 0.5780 0.0936  -0.1847 0.0946  288 ALA A N   
345 C  CA  . ALA A 45 ? 1.4733 0.5674 0.6263 0.0783  -0.2506 0.0763  288 ALA A CA  
346 C  C   . ALA A 45 ? 1.6995 0.7471 0.8849 0.0774  -0.2924 0.0351  288 ALA A C   
347 O  O   . ALA A 45 ? 1.6790 0.7007 0.8689 0.0386  -0.3495 0.0204  288 ALA A O   
348 C  CB  . ALA A 45 ? 1.6637 0.6869 0.6236 0.1171  -0.2303 0.0589  288 ALA A CB  
349 N  N   . ALA A 46 ? 1.7161 0.7727 0.9258 0.1190  -0.2620 0.0174  289 ALA A N   
350 C  CA  . ALA A 46 ? 1.6058 0.6672 0.8600 0.1134  -0.2893 -0.0120 289 ALA A CA  
351 C  C   . ALA A 46 ? 1.4249 0.6385 0.8740 0.0941  -0.2608 0.0007  289 ALA A C   
352 O  O   . ALA A 46 ? 1.2917 0.6122 0.8665 0.0519  -0.2584 0.0235  289 ALA A O   
353 C  CB  . ALA A 46 ? 1.7291 0.6833 0.8434 0.1790  -0.2742 -0.0468 289 ALA A CB  
# 
